data_8YN4
#
_entry.id   8YN4
#
_cell.length_a   1.00
_cell.length_b   1.00
_cell.length_c   1.00
_cell.angle_alpha   90.00
_cell.angle_beta   90.00
_cell.angle_gamma   90.00
#
_symmetry.space_group_name_H-M   'P 1'
#
loop_
_entity.id
_entity.type
_entity.pdbx_description
1 polymer 'Engineered guanine nucleotide-binding protein G(q) subunit alpha'
2 polymer 'Guanine nucleotide-binding protein G(I)/G(S)/G(T) subunit beta-1'
3 polymer 'Guanine nucleotide-binding protein G(I)/G(S)/G(O) subunit gamma-2'
4 polymer 'Antibody fragment scFv16'
5 polymer 'Histamine H2 receptor'
6 non-polymer HISTAMINE
7 non-polymer CHOLESTEROL
#
loop_
_entity_poly.entity_id
_entity_poly.type
_entity_poly.pdbx_seq_one_letter_code
_entity_poly.pdbx_strand_id
1 'polypeptide(L)'
;MGSTVSAEDKAAAERSKMIDKNLREDGEKARRTLRLLLLGADNSGKSTIVKQMRILHGGSGGSGGTSGIFETKFQVDKVN
FHMFDVGGQRDERRKWIQCFNDVTAIIFVVDSSDYNRLQEALNDFKSIWNNRWLRTISVILFLNKQDLLAEKVLAGKSKI
EDYFPEFARYTTPEDATPEPGEDPRVTRAKYFIRKEFVDISTASGDGRHICYPHFTCAVDTENARRIFNDCKDIILQMNL
REYNLV
;
A
2 'polypeptide(L)'
;MHHHHHHGSSGSELDQLRQEAEQLKNQIRDARKACADATLSQITNNIDPVGRIQMRTRRTLRGHLAKIYAMHWGTDSRLL
VSASQDGKLIIWDSYTTNKVHAIPLRSSWVMTCAYAPSGNYVACGGLDNICSIYNLKTREGNVRVSRELAGHTGYLSCCR
FLDDNQIVTSSGDTTCALWDIETGQQTTTFTGHTGDVMSLSLAPDTRLFVSGACDASAKLWDVREGMCRQTFTGHESDIN
AICFFPNGNAFATGSDDATCRLFDLRADQELMTYSHDNIICGITSVSFSKSGRLLLAGYDDFNCNVWDALKADRAGVLAG
HDNRVSCLGVTDDGMAVATGSWDSFLKIWNGSSGGGGSGGGGSSGVSGWRLFKKIS
;
B
3 'polypeptide(L)' MASNNTASIAQARKLVEQLKMEANIDRIKVSKAAADLMAYCEAHAKEDPLLTPVPASENPFREKKFFCAIL C
4 'polypeptide(L)'
;DVQLVESGGGLVQPGGSRKLSCSASGFAFSSFGMHWVRQAPEKGLEWVAYISSGSGTIYYADTVKGRFTISRDDPKNTLF
LQMTSLRSEDTAMYYCVRSIYYYGSSPFDFWGQGTTLTVSSGGGGSGGGGSGGGGSDIVMTQATSSVPVTPGESVSISCR
SSKSLLHSNGNTYLYWFLQRPGQSPQLLIYRMSNLASGVPDRFSGSGSGTAFTLTISRLEAEDVGVYYCMQHLEYPLTFG
AGTKLELLEENLYFQ
;
E
5 'polypeptide(L)'
;DYKDDDDHHHHHHHHGQPGNGSAFLLAPNGSHAPDHNVTQQRDEGGSGQPGNGSAFLLAPNGSHAPDHNVTQQRDEENLY
FQGVDMAPNGTASSFCLDSTACKITITVVLAVLILITVAGNVVVCLAVGLNRRLRNLTNCFIVSLAITDLLLGLLVLPFS
AIYQLSCKWSFGKVFCNIYTSLDVMLCTASILNLFMISLDRYCAVMDPLRYPVLVTPVRVAISLVLIWVISITLSFLSIH
LGWNSRNETSKGNHTTSKCKVQVNEVYGLVDGLVTFYLPLLIMCITYYRIFKVARDQAKRINHISSWKAATIREHKATVT
LAAVMGAFIICWFPYFTAFVYRGLRGDDAINEVLEAIVLWLGYANSALNPILYAALNRDFRTGYQQLFCCRLAHMGSSGG
GGSGGGGSSGVFTLEDFVGDWEQTAAYNLDQVLEQGGVSSLLQNLAVSVTPIQRIVRSGENALKIDIHVIIPYEGLSADQ
MAQIEEVFKVVYPVDDHHFKVILPYGTLVIDGVTPNMLNYFGRPYEGIAVFDGKKITVTGTLWNGNKIIDERLITPDGSM
LFRVTINS
;
R
#
# COMPACT_ATOMS: atom_id res chain seq x y z
N VAL A 5 -21.55 17.20 2.93
CA VAL A 5 -20.70 17.36 1.76
C VAL A 5 -21.43 18.19 0.69
N SER A 6 -20.66 18.94 -0.10
CA SER A 6 -21.21 19.78 -1.13
C SER A 6 -21.40 19.00 -2.42
N ALA A 7 -21.93 19.67 -3.45
CA ALA A 7 -22.16 19.01 -4.73
C ALA A 7 -20.85 18.64 -5.43
N GLU A 8 -19.82 19.46 -5.26
CA GLU A 8 -18.52 19.14 -5.85
C GLU A 8 -17.79 18.06 -5.06
N ASP A 9 -17.96 18.03 -3.73
CA ASP A 9 -17.37 16.98 -2.93
C ASP A 9 -17.95 15.61 -3.28
N LYS A 10 -19.25 15.54 -3.54
CA LYS A 10 -19.85 14.28 -3.95
C LYS A 10 -19.29 13.81 -5.29
N ALA A 11 -19.09 14.74 -6.22
CA ALA A 11 -18.49 14.39 -7.50
C ALA A 11 -17.03 14.00 -7.36
N ALA A 12 -16.31 14.65 -6.44
CA ALA A 12 -14.92 14.26 -6.16
C ALA A 12 -14.86 12.88 -5.53
N ALA A 13 -15.79 12.57 -4.63
CA ALA A 13 -15.83 11.25 -4.00
C ALA A 13 -16.14 10.17 -5.03
N GLU A 14 -17.02 10.46 -5.98
CA GLU A 14 -17.30 9.51 -7.05
C GLU A 14 -16.07 9.28 -7.91
N ARG A 15 -15.29 10.35 -8.16
CA ARG A 15 -14.05 10.19 -8.89
C ARG A 15 -13.07 9.31 -8.12
N SER A 16 -13.00 9.48 -6.79
CA SER A 16 -12.12 8.65 -5.98
C SER A 16 -12.52 7.18 -6.05
N LYS A 17 -13.83 6.90 -6.06
CA LYS A 17 -14.28 5.52 -6.10
C LYS A 17 -14.01 4.87 -7.46
N MET A 18 -14.04 5.65 -8.54
CA MET A 18 -13.69 5.12 -9.85
C MET A 18 -12.20 4.77 -9.93
N ILE A 19 -11.35 5.55 -9.26
CA ILE A 19 -9.92 5.25 -9.22
C ILE A 19 -9.68 3.93 -8.50
N ASP A 20 -10.33 3.74 -7.35
CA ASP A 20 -10.19 2.48 -6.62
C ASP A 20 -10.68 1.29 -7.43
N LYS A 21 -11.70 1.49 -8.28
CA LYS A 21 -12.16 0.43 -9.14
C LYS A 21 -11.08 0.01 -10.15
N ASN A 22 -10.38 0.99 -10.73
CA ASN A 22 -9.32 0.68 -11.68
C ASN A 22 -8.04 0.21 -10.99
N LEU A 23 -7.81 0.63 -9.75
CA LEU A 23 -6.65 0.13 -9.01
C LEU A 23 -6.77 -1.37 -8.75
N ARG A 24 -7.96 -1.83 -8.36
CA ARG A 24 -8.15 -3.25 -8.13
C ARG A 24 -8.05 -4.05 -9.42
N GLU A 25 -8.61 -3.52 -10.52
CA GLU A 25 -8.56 -4.22 -11.79
C GLU A 25 -7.13 -4.39 -12.27
N ASP A 26 -6.31 -3.35 -12.15
CA ASP A 26 -4.90 -3.46 -12.52
C ASP A 26 -4.14 -4.31 -11.52
N GLY A 27 -4.47 -4.18 -10.22
CA GLY A 27 -3.77 -4.92 -9.19
C GLY A 27 -4.14 -6.38 -9.09
N GLU A 28 -5.28 -6.79 -9.66
CA GLU A 28 -5.70 -8.18 -9.59
C GLU A 28 -4.89 -9.07 -10.54
N LYS A 29 -4.42 -8.52 -11.65
CA LYS A 29 -3.67 -9.32 -12.62
C LYS A 29 -2.27 -9.68 -12.12
N ALA A 30 -1.72 -8.89 -11.20
CA ALA A 30 -0.36 -9.13 -10.72
C ALA A 30 -0.31 -10.19 -9.62
N ARG A 31 -1.44 -10.56 -9.03
CA ARG A 31 -1.45 -11.54 -7.95
C ARG A 31 -1.24 -12.97 -8.45
N ARG A 32 -1.54 -13.24 -9.71
CA ARG A 32 -1.46 -14.60 -10.24
C ARG A 32 -0.05 -14.97 -10.71
N THR A 33 0.87 -14.01 -10.75
CA THR A 33 2.22 -14.24 -11.24
C THR A 33 3.20 -14.38 -10.07
N LEU A 34 4.16 -15.27 -10.22
CA LEU A 34 5.18 -15.51 -9.21
C LEU A 34 6.43 -14.72 -9.58
N ARG A 35 6.98 -14.01 -8.60
CA ARG A 35 8.12 -13.12 -8.80
C ARG A 35 9.41 -13.84 -8.46
N LEU A 36 10.38 -13.79 -9.36
CA LEU A 36 11.67 -14.42 -9.18
C LEU A 36 12.77 -13.40 -9.38
N LEU A 37 13.83 -13.49 -8.57
CA LEU A 37 14.98 -12.61 -8.66
C LEU A 37 16.17 -13.41 -9.17
N LEU A 38 16.77 -12.94 -10.27
CA LEU A 38 17.90 -13.61 -10.89
C LEU A 38 19.18 -12.91 -10.47
N LEU A 39 20.12 -13.68 -9.90
CA LEU A 39 21.39 -13.14 -9.42
C LEU A 39 22.54 -13.96 -9.98
N GLY A 40 23.71 -13.34 -10.00
CA GLY A 40 24.89 -13.99 -10.54
C GLY A 40 25.94 -12.95 -10.89
N ALA A 41 26.98 -13.43 -11.56
CA ALA A 41 28.10 -12.60 -12.00
C ALA A 41 28.09 -12.48 -13.52
N ASP A 42 29.07 -11.76 -14.05
CA ASP A 42 29.18 -11.60 -15.50
C ASP A 42 29.47 -12.93 -16.18
N ASN A 43 30.34 -13.75 -15.59
CA ASN A 43 30.70 -15.05 -16.15
C ASN A 43 29.75 -16.17 -15.72
N SER A 44 28.77 -15.86 -14.87
CA SER A 44 27.84 -16.88 -14.40
C SER A 44 26.98 -17.44 -15.53
N GLY A 45 26.79 -16.68 -16.60
CA GLY A 45 25.95 -17.15 -17.69
C GLY A 45 24.47 -17.16 -17.40
N LYS A 46 24.01 -16.34 -16.43
CA LYS A 46 22.60 -16.27 -16.12
C LYS A 46 21.78 -15.75 -17.30
N SER A 47 22.41 -14.97 -18.19
CA SER A 47 21.72 -14.52 -19.39
C SER A 47 21.39 -15.67 -20.33
N THR A 48 22.24 -16.71 -20.35
CA THR A 48 21.97 -17.87 -21.20
C THR A 48 20.79 -18.68 -20.66
N ILE A 49 20.66 -18.76 -19.33
CA ILE A 49 19.57 -19.53 -18.73
C ILE A 49 18.22 -18.91 -19.07
N VAL A 50 18.11 -17.58 -18.93
CA VAL A 50 16.85 -16.92 -19.23
C VAL A 50 16.55 -16.94 -20.72
N LYS A 51 17.58 -16.75 -21.55
CA LYS A 51 17.38 -16.73 -23.00
C LYS A 51 16.88 -18.08 -23.50
N GLN A 52 17.44 -19.18 -22.99
CA GLN A 52 16.98 -20.50 -23.38
C GLN A 52 15.53 -20.73 -22.98
N MET A 53 15.15 -20.30 -21.77
CA MET A 53 13.78 -20.47 -21.33
C MET A 53 12.83 -19.54 -22.09
N ARG A 54 13.27 -18.33 -22.39
CA ARG A 54 12.45 -17.37 -23.13
C ARG A 54 12.32 -17.77 -24.59
N GLY A 68 17.88 -0.47 -16.36
CA GLY A 68 18.12 -0.77 -14.96
C GLY A 68 17.60 -2.14 -14.55
N ILE A 69 16.45 -2.52 -15.09
CA ILE A 69 15.82 -3.79 -14.77
C ILE A 69 15.53 -4.53 -16.08
N PHE A 70 15.82 -5.83 -16.09
CA PHE A 70 15.47 -6.69 -17.22
C PHE A 70 14.47 -7.74 -16.74
N GLU A 71 13.33 -7.82 -17.42
CA GLU A 71 12.24 -8.69 -17.00
C GLU A 71 11.97 -9.75 -18.05
N THR A 72 11.51 -10.91 -17.59
CA THR A 72 11.18 -12.02 -18.47
C THR A 72 9.97 -12.76 -17.92
N LYS A 73 9.05 -13.13 -18.80
CA LYS A 73 7.83 -13.85 -18.43
C LYS A 73 7.77 -15.14 -19.22
N PHE A 74 7.69 -16.27 -18.51
CA PHE A 74 7.53 -17.58 -19.14
C PHE A 74 6.46 -18.36 -18.40
N GLN A 75 5.82 -19.28 -19.10
CA GLN A 75 4.70 -20.05 -18.59
C GLN A 75 5.06 -21.52 -18.54
N VAL A 76 4.81 -22.15 -17.39
CA VAL A 76 5.05 -23.58 -17.19
C VAL A 76 3.76 -24.18 -16.66
N ASP A 77 3.03 -24.88 -17.52
CA ASP A 77 1.78 -25.57 -17.15
C ASP A 77 0.79 -24.60 -16.51
N LYS A 78 0.43 -23.57 -17.28
CA LYS A 78 -0.57 -22.58 -16.88
C LYS A 78 -0.18 -21.84 -15.60
N VAL A 79 1.13 -21.72 -15.35
CA VAL A 79 1.66 -20.96 -14.22
C VAL A 79 2.59 -19.90 -14.77
N ASN A 80 2.40 -18.65 -14.34
CA ASN A 80 3.14 -17.51 -14.86
C ASN A 80 4.27 -17.15 -13.89
N PHE A 81 5.49 -17.12 -14.40
CA PHE A 81 6.66 -16.70 -13.65
C PHE A 81 7.21 -15.40 -14.24
N HIS A 82 7.56 -14.46 -13.35
CA HIS A 82 8.15 -13.20 -13.76
C HIS A 82 9.50 -13.05 -13.08
N MET A 83 10.57 -13.17 -13.85
CA MET A 83 11.92 -13.14 -13.34
C MET A 83 12.57 -11.79 -13.64
N PHE A 84 13.15 -11.17 -12.61
CA PHE A 84 13.71 -9.84 -12.71
C PHE A 84 15.23 -9.93 -12.58
N ASP A 85 15.94 -9.41 -13.58
CA ASP A 85 17.40 -9.34 -13.55
C ASP A 85 17.80 -7.88 -13.46
N VAL A 86 18.56 -7.52 -12.44
CA VAL A 86 18.97 -6.14 -12.20
C VAL A 86 20.41 -6.02 -12.70
N GLY A 87 20.56 -5.59 -13.95
CA GLY A 87 21.87 -5.43 -14.55
C GLY A 87 22.37 -4.00 -14.64
N GLY A 88 21.69 -3.04 -14.02
CA GLY A 88 22.10 -1.65 -14.12
C GLY A 88 22.65 -1.07 -12.84
N GLN A 89 23.08 -1.93 -11.91
CA GLN A 89 23.59 -1.49 -10.62
C GLN A 89 24.98 -2.07 -10.39
N ARG A 90 25.69 -1.44 -9.46
CA ARG A 90 27.06 -1.83 -9.14
C ARG A 90 27.05 -3.04 -8.20
N ASP A 91 28.23 -3.42 -7.70
CA ASP A 91 28.35 -4.63 -6.90
C ASP A 91 27.66 -4.52 -5.55
N GLU A 92 27.62 -3.33 -4.96
CA GLU A 92 27.05 -3.17 -3.63
C GLU A 92 25.53 -3.24 -3.68
N ARG A 93 24.98 -4.45 -3.57
CA ARG A 93 23.54 -4.65 -3.65
C ARG A 93 22.87 -4.80 -2.29
N ARG A 94 23.57 -4.43 -1.20
CA ARG A 94 23.00 -4.59 0.14
C ARG A 94 21.84 -3.64 0.39
N LYS A 95 21.60 -2.67 -0.47
CA LYS A 95 20.58 -1.64 -0.27
C LYS A 95 19.33 -1.89 -1.09
N TRP A 96 19.47 -2.10 -2.40
CA TRP A 96 18.31 -2.30 -3.25
C TRP A 96 17.79 -3.73 -3.22
N ILE A 97 18.45 -4.61 -2.47
CA ILE A 97 17.94 -5.98 -2.32
C ILE A 97 16.69 -6.01 -1.47
N GLN A 98 16.45 -4.95 -0.68
CA GLN A 98 15.25 -4.87 0.15
C GLN A 98 13.99 -4.78 -0.68
N CYS A 99 14.08 -4.29 -1.93
CA CYS A 99 12.90 -4.22 -2.78
C CYS A 99 12.36 -5.60 -3.09
N PHE A 100 13.24 -6.57 -3.28
CA PHE A 100 12.83 -7.95 -3.56
C PHE A 100 12.67 -8.76 -2.28
N ASN A 101 11.90 -8.24 -1.34
CA ASN A 101 11.66 -8.92 -0.07
C ASN A 101 10.49 -9.89 -0.15
N ASP A 102 9.63 -9.77 -1.15
CA ASP A 102 8.44 -10.61 -1.27
C ASP A 102 8.49 -11.55 -2.45
N VAL A 103 9.66 -11.74 -3.06
CA VAL A 103 9.79 -12.69 -4.15
C VAL A 103 9.72 -14.11 -3.61
N THR A 104 9.25 -15.03 -4.45
CA THR A 104 9.12 -16.42 -4.01
C THR A 104 10.48 -17.09 -3.90
N ALA A 105 11.35 -16.90 -4.89
CA ALA A 105 12.63 -17.58 -4.91
C ALA A 105 13.69 -16.67 -5.55
N ILE A 106 14.94 -16.94 -5.20
CA ILE A 106 16.09 -16.26 -5.79
C ILE A 106 16.84 -17.27 -6.63
N ILE A 107 17.00 -16.99 -7.91
CA ILE A 107 17.67 -17.90 -8.85
C ILE A 107 19.12 -17.46 -8.93
N PHE A 108 19.95 -18.02 -8.06
CA PHE A 108 21.37 -17.70 -8.00
C PHE A 108 22.14 -18.63 -8.93
N VAL A 109 22.90 -18.05 -9.85
CA VAL A 109 23.62 -18.79 -10.88
C VAL A 109 25.11 -18.56 -10.68
N VAL A 110 25.88 -19.66 -10.69
CA VAL A 110 27.33 -19.60 -10.58
C VAL A 110 27.95 -20.41 -11.72
N ASP A 111 29.22 -20.12 -11.98
CA ASP A 111 29.99 -20.84 -12.99
C ASP A 111 30.90 -21.86 -12.28
N SER A 112 30.66 -23.14 -12.54
CA SER A 112 31.41 -24.19 -11.85
C SER A 112 32.81 -24.36 -12.42
N SER A 113 33.00 -24.09 -13.72
CA SER A 113 34.28 -24.37 -14.36
C SER A 113 35.41 -23.53 -13.77
N ASP A 114 35.15 -22.25 -13.53
CA ASP A 114 36.18 -21.33 -13.06
C ASP A 114 36.35 -21.50 -11.55
N TYR A 115 37.33 -22.31 -11.15
CA TYR A 115 37.62 -22.50 -9.74
C TYR A 115 38.18 -21.25 -9.08
N ASN A 116 38.78 -20.36 -9.88
CA ASN A 116 39.42 -19.16 -9.31
C ASN A 116 38.39 -18.25 -8.65
N ARG A 117 37.23 -18.08 -9.27
CA ARG A 117 36.18 -17.21 -8.75
C ARG A 117 35.12 -17.97 -7.96
N LEU A 118 35.30 -19.28 -7.74
CA LEU A 118 34.33 -20.03 -6.95
C LEU A 118 34.27 -19.52 -5.52
N GLN A 119 35.43 -19.16 -4.94
CA GLN A 119 35.44 -18.59 -3.61
C GLN A 119 34.71 -17.26 -3.57
N GLU A 120 34.84 -16.47 -4.65
CA GLU A 120 34.07 -15.23 -4.74
C GLU A 120 32.57 -15.51 -4.78
N ALA A 121 32.17 -16.54 -5.53
CA ALA A 121 30.77 -16.93 -5.57
C ALA A 121 30.30 -17.43 -4.20
N LEU A 122 31.14 -18.21 -3.52
CA LEU A 122 30.79 -18.69 -2.19
C LEU A 122 30.66 -17.53 -1.21
N ASN A 123 31.56 -16.54 -1.30
CA ASN A 123 31.43 -15.36 -0.46
C ASN A 123 30.21 -14.54 -0.86
N ASP A 124 29.92 -14.46 -2.16
CA ASP A 124 28.73 -13.75 -2.61
C ASP A 124 27.45 -14.45 -2.15
N PHE A 125 27.42 -15.78 -2.26
CA PHE A 125 26.24 -16.52 -1.81
C PHE A 125 26.02 -16.39 -0.32
N LYS A 126 27.10 -16.30 0.46
CA LYS A 126 26.96 -16.17 1.91
C LYS A 126 26.27 -14.88 2.29
N SER A 127 26.59 -13.78 1.61
CA SER A 127 25.95 -12.51 1.90
C SER A 127 24.47 -12.54 1.57
N ILE A 128 24.10 -13.16 0.45
CA ILE A 128 22.70 -13.25 0.05
C ILE A 128 21.93 -14.12 1.03
N TRP A 129 22.47 -15.30 1.36
CA TRP A 129 21.77 -16.23 2.23
C TRP A 129 21.60 -15.66 3.63
N ASN A 130 22.64 -15.03 4.16
CA ASN A 130 22.61 -14.47 5.50
C ASN A 130 22.13 -13.02 5.53
N ASN A 131 21.45 -12.58 4.47
CA ASN A 131 20.96 -11.21 4.42
C ASN A 131 19.85 -11.01 5.45
N ARG A 132 19.76 -9.78 5.96
CA ARG A 132 18.75 -9.47 6.97
C ARG A 132 17.34 -9.50 6.38
N TRP A 133 17.18 -9.06 5.14
CA TRP A 133 15.87 -8.99 4.50
C TRP A 133 15.59 -10.16 3.58
N LEU A 134 16.40 -11.22 3.64
CA LEU A 134 16.17 -12.42 2.85
C LEU A 134 16.15 -13.65 3.74
N ARG A 135 15.61 -13.51 4.94
CA ARG A 135 15.60 -14.62 5.89
C ARG A 135 14.58 -15.69 5.53
N THR A 136 13.56 -15.36 4.74
CA THR A 136 12.51 -16.31 4.40
C THR A 136 12.43 -16.57 2.90
N ILE A 137 13.45 -16.20 2.14
CA ILE A 137 13.45 -16.36 0.69
C ILE A 137 14.34 -17.54 0.35
N SER A 138 13.75 -18.58 -0.23
CA SER A 138 14.53 -19.73 -0.68
C SER A 138 15.34 -19.37 -1.93
N VAL A 139 16.44 -20.10 -2.12
CA VAL A 139 17.36 -19.86 -3.22
C VAL A 139 17.37 -21.09 -4.11
N ILE A 140 17.01 -20.90 -5.38
CA ILE A 140 17.09 -21.97 -6.38
C ILE A 140 18.47 -21.85 -7.02
N LEU A 141 19.46 -22.47 -6.38
CA LEU A 141 20.84 -22.33 -6.83
C LEU A 141 21.08 -23.13 -8.10
N PHE A 142 21.71 -22.48 -9.08
CA PHE A 142 22.13 -23.13 -10.32
C PHE A 142 23.65 -23.08 -10.42
N LEU A 143 24.26 -24.21 -10.78
CA LEU A 143 25.68 -24.30 -11.02
C LEU A 143 25.87 -24.52 -12.53
N ASN A 144 25.95 -23.42 -13.26
CA ASN A 144 25.91 -23.44 -14.72
C ASN A 144 27.23 -23.95 -15.29
N LYS A 145 27.19 -24.30 -16.58
CA LYS A 145 28.36 -24.71 -17.36
C LYS A 145 29.03 -25.93 -16.75
N GLN A 146 28.26 -27.03 -16.67
CA GLN A 146 28.80 -28.29 -16.20
C GLN A 146 29.64 -28.98 -17.26
N ASP A 147 29.29 -28.84 -18.54
CA ASP A 147 30.06 -29.47 -19.61
C ASP A 147 31.47 -28.91 -19.66
N LEU A 148 31.63 -27.60 -19.49
CA LEU A 148 32.97 -27.02 -19.42
C LEU A 148 33.72 -27.52 -18.20
N LEU A 149 33.02 -27.70 -17.08
CA LEU A 149 33.66 -28.23 -15.89
C LEU A 149 34.14 -29.67 -16.11
N ALA A 150 33.33 -30.49 -16.78
CA ALA A 150 33.72 -31.87 -17.03
C ALA A 150 34.98 -31.95 -17.88
N GLU A 151 35.04 -31.14 -18.94
CA GLU A 151 36.25 -31.12 -19.78
C GLU A 151 37.45 -30.60 -19.01
N LYS A 152 37.24 -29.59 -18.16
CA LYS A 152 38.35 -29.01 -17.41
C LYS A 152 38.93 -30.02 -16.41
N VAL A 153 38.06 -30.80 -15.76
CA VAL A 153 38.54 -31.80 -14.80
C VAL A 153 39.24 -32.94 -15.53
N LEU A 154 38.70 -33.37 -16.67
CA LEU A 154 39.29 -34.47 -17.41
C LEU A 154 40.69 -34.12 -17.91
N ALA A 155 40.89 -32.87 -18.34
CA ALA A 155 42.21 -32.46 -18.81
C ALA A 155 43.23 -32.52 -17.68
N GLY A 156 42.86 -32.09 -16.49
CA GLY A 156 43.75 -32.16 -15.35
C GLY A 156 44.76 -31.03 -15.25
N LYS A 157 44.67 -30.02 -16.12
CA LYS A 157 45.61 -28.91 -16.07
C LYS A 157 45.49 -28.15 -14.75
N SER A 158 44.28 -27.90 -14.30
CA SER A 158 44.02 -27.21 -13.04
C SER A 158 43.28 -28.15 -12.10
N LYS A 159 43.72 -28.19 -10.84
CA LYS A 159 43.16 -29.07 -9.83
C LYS A 159 42.45 -28.25 -8.75
N ILE A 160 41.29 -28.73 -8.32
CA ILE A 160 40.54 -28.04 -7.27
C ILE A 160 41.33 -28.02 -5.96
N GLU A 161 42.20 -29.02 -5.75
CA GLU A 161 43.01 -29.06 -4.54
C GLU A 161 43.93 -27.84 -4.43
N ASP A 162 44.30 -27.25 -5.56
CA ASP A 162 45.12 -26.04 -5.53
C ASP A 162 44.37 -24.88 -4.86
N TYR A 163 43.08 -24.75 -5.15
CA TYR A 163 42.27 -23.67 -4.58
C TYR A 163 41.55 -24.10 -3.32
N PHE A 164 41.05 -25.34 -3.29
CA PHE A 164 40.34 -25.87 -2.13
C PHE A 164 41.11 -27.06 -1.57
N PRO A 165 41.86 -26.87 -0.47
CA PRO A 165 42.64 -28.00 0.08
C PRO A 165 41.78 -29.17 0.54
N GLU A 166 40.54 -28.92 0.96
CA GLU A 166 39.68 -29.99 1.46
C GLU A 166 39.24 -30.95 0.37
N PHE A 167 39.44 -30.61 -0.91
CA PHE A 167 39.00 -31.50 -1.98
C PHE A 167 39.82 -32.77 -2.04
N ALA A 168 41.11 -32.70 -1.69
CA ALA A 168 41.96 -33.89 -1.71
C ALA A 168 41.51 -34.92 -0.68
N ARG A 169 40.92 -34.49 0.42
CA ARG A 169 40.45 -35.37 1.48
C ARG A 169 38.95 -35.63 1.40
N TYR A 170 38.30 -35.26 0.31
CA TYR A 170 36.86 -35.44 0.14
C TYR A 170 36.60 -36.71 -0.66
N THR A 171 35.63 -37.50 -0.19
CA THR A 171 35.24 -38.74 -0.84
C THR A 171 33.78 -38.66 -1.25
N THR A 172 33.47 -39.28 -2.39
CA THR A 172 32.10 -39.27 -2.90
C THR A 172 31.18 -40.08 -2.00
N PRO A 173 30.11 -39.51 -1.47
CA PRO A 173 29.19 -40.29 -0.64
C PRO A 173 28.52 -41.40 -1.43
N GLU A 174 28.22 -42.50 -0.73
CA GLU A 174 27.55 -43.62 -1.37
C GLU A 174 26.13 -43.27 -1.81
N ASP A 175 25.45 -42.39 -1.06
CA ASP A 175 24.09 -41.99 -1.39
C ASP A 175 24.00 -41.18 -2.67
N ALA A 176 25.12 -40.70 -3.20
CA ALA A 176 25.09 -39.94 -4.45
C ALA A 176 24.61 -40.81 -5.60
N THR A 177 23.89 -40.20 -6.53
CA THR A 177 23.32 -40.87 -7.69
C THR A 177 23.76 -40.14 -8.95
N PRO A 178 24.98 -40.40 -9.42
CA PRO A 178 25.46 -39.71 -10.63
C PRO A 178 24.69 -40.14 -11.87
N GLU A 179 24.64 -39.23 -12.84
CA GLU A 179 23.98 -39.53 -14.09
C GLU A 179 24.76 -40.59 -14.86
N PRO A 180 24.07 -41.42 -15.65
CA PRO A 180 24.77 -42.45 -16.42
C PRO A 180 25.76 -41.85 -17.41
N GLY A 181 26.86 -42.57 -17.64
CA GLY A 181 27.89 -42.11 -18.53
C GLY A 181 28.77 -41.01 -17.97
N GLU A 182 28.83 -40.86 -16.66
CA GLU A 182 29.65 -39.85 -16.01
C GLU A 182 30.84 -40.53 -15.32
N ASP A 183 32.04 -40.01 -15.57
CA ASP A 183 33.23 -40.54 -14.95
C ASP A 183 33.19 -40.31 -13.44
N PRO A 184 33.74 -41.24 -12.65
CA PRO A 184 33.76 -41.03 -11.19
C PRO A 184 34.53 -39.79 -10.76
N ARG A 185 35.53 -39.37 -11.54
CA ARG A 185 36.29 -38.18 -11.21
C ARG A 185 35.39 -36.94 -11.25
N VAL A 186 34.49 -36.87 -12.24
CA VAL A 186 33.58 -35.73 -12.35
C VAL A 186 32.66 -35.68 -11.14
N THR A 187 32.12 -36.83 -10.72
CA THR A 187 31.18 -36.85 -9.60
C THR A 187 31.82 -36.37 -8.31
N ARG A 188 33.07 -36.77 -8.06
CA ARG A 188 33.76 -36.33 -6.85
C ARG A 188 33.96 -34.82 -6.85
N ALA A 189 34.33 -34.25 -8.01
CA ALA A 189 34.53 -32.81 -8.08
C ALA A 189 33.21 -32.05 -8.10
N LYS A 190 32.22 -32.56 -8.86
CA LYS A 190 30.95 -31.86 -8.98
C LYS A 190 30.21 -31.80 -7.65
N TYR A 191 30.22 -32.90 -6.89
CA TYR A 191 29.52 -32.91 -5.61
C TYR A 191 30.27 -32.12 -4.55
N PHE A 192 31.59 -31.98 -4.68
CA PHE A 192 32.33 -31.17 -3.72
C PHE A 192 31.96 -29.70 -3.84
N ILE A 193 31.80 -29.19 -5.06
CA ILE A 193 31.38 -27.81 -5.26
C ILE A 193 29.98 -27.61 -4.69
N ARG A 194 29.08 -28.57 -4.95
CA ARG A 194 27.72 -28.49 -4.41
C ARG A 194 27.73 -28.52 -2.89
N LYS A 195 28.56 -29.37 -2.29
CA LYS A 195 28.60 -29.46 -0.83
C LYS A 195 29.08 -28.16 -0.20
N GLU A 196 29.92 -27.40 -0.90
CA GLU A 196 30.38 -26.12 -0.38
C GLU A 196 29.22 -25.13 -0.25
N PHE A 197 28.34 -25.08 -1.24
CA PHE A 197 27.20 -24.16 -1.18
C PHE A 197 26.18 -24.62 -0.16
N VAL A 198 25.86 -25.92 -0.15
CA VAL A 198 24.86 -26.43 0.78
C VAL A 198 25.31 -26.27 2.22
N ASP A 199 26.62 -26.42 2.48
CA ASP A 199 27.13 -26.23 3.83
C ASP A 199 26.86 -24.82 4.34
N ILE A 200 26.91 -23.83 3.45
CA ILE A 200 26.55 -22.47 3.84
C ILE A 200 25.07 -22.37 4.14
N SER A 201 24.24 -23.04 3.33
CA SER A 201 22.79 -22.98 3.52
C SER A 201 22.38 -23.58 4.86
N THR A 202 22.90 -24.78 5.17
CA THR A 202 22.50 -25.46 6.39
C THR A 202 23.06 -24.81 7.64
N ALA A 203 24.10 -23.97 7.50
CA ALA A 203 24.72 -23.36 8.67
C ALA A 203 23.77 -22.42 9.39
N SER A 204 22.95 -21.67 8.64
CA SER A 204 22.07 -20.66 9.21
C SER A 204 20.67 -20.83 8.63
N GLY A 205 19.75 -19.98 9.08
CA GLY A 205 18.39 -19.95 8.60
C GLY A 205 17.40 -20.66 9.50
N ASP A 206 17.86 -21.66 10.26
CA ASP A 206 17.02 -22.41 11.20
C ASP A 206 15.80 -23.00 10.51
N GLY A 207 15.98 -23.44 9.26
CA GLY A 207 14.91 -24.08 8.53
C GLY A 207 13.87 -23.15 7.94
N ARG A 208 14.07 -21.83 8.04
CA ARG A 208 13.10 -20.89 7.47
C ARG A 208 13.09 -20.97 5.95
N HIS A 209 14.26 -21.11 5.33
CA HIS A 209 14.36 -21.20 3.88
C HIS A 209 15.35 -22.31 3.53
N ILE A 210 15.19 -22.85 2.34
CA ILE A 210 15.95 -24.02 1.88
C ILE A 210 16.54 -23.74 0.51
N CYS A 211 17.80 -24.10 0.33
CA CYS A 211 18.46 -24.00 -0.97
C CYS A 211 18.13 -25.22 -1.82
N TYR A 212 18.05 -25.00 -3.13
CA TYR A 212 17.71 -26.05 -4.09
C TYR A 212 18.77 -26.09 -5.19
N PRO A 213 19.94 -26.67 -4.89
CA PRO A 213 21.02 -26.68 -5.89
C PRO A 213 20.66 -27.53 -7.10
N HIS A 214 21.20 -27.13 -8.25
CA HIS A 214 21.01 -27.85 -9.49
C HIS A 214 22.25 -27.71 -10.35
N PHE A 215 22.39 -28.62 -11.32
CA PHE A 215 23.50 -28.59 -12.27
C PHE A 215 22.93 -28.51 -13.68
N THR A 216 23.28 -27.45 -14.40
CA THR A 216 22.80 -27.21 -15.74
C THR A 216 23.97 -26.85 -16.65
N CYS A 217 23.69 -26.80 -17.95
CA CYS A 217 24.66 -26.41 -18.96
C CYS A 217 24.02 -25.39 -19.89
N ALA A 218 24.82 -24.87 -20.82
CA ALA A 218 24.32 -23.84 -21.73
C ALA A 218 23.30 -24.39 -22.73
N VAL A 219 23.29 -25.70 -22.96
CA VAL A 219 22.37 -26.31 -23.91
C VAL A 219 21.21 -27.02 -23.21
N ASP A 220 21.11 -26.89 -21.88
CA ASP A 220 20.03 -27.53 -21.15
C ASP A 220 18.73 -26.78 -21.37
N THR A 221 17.65 -27.52 -21.66
CA THR A 221 16.34 -26.95 -21.91
C THR A 221 15.36 -27.22 -20.77
N GLU A 222 15.82 -27.81 -19.67
CA GLU A 222 14.96 -28.16 -18.56
C GLU A 222 15.02 -27.14 -17.42
N ASN A 223 15.63 -25.98 -17.65
CA ASN A 223 15.76 -24.98 -16.59
C ASN A 223 14.40 -24.50 -16.10
N ALA A 224 13.46 -24.29 -17.04
CA ALA A 224 12.14 -23.80 -16.66
C ALA A 224 11.41 -24.80 -15.76
N ARG A 225 11.50 -26.09 -16.08
CA ARG A 225 10.78 -27.10 -15.30
C ARG A 225 11.38 -27.24 -13.90
N ARG A 226 12.70 -27.15 -13.79
CA ARG A 226 13.33 -27.27 -12.48
C ARG A 226 12.93 -26.13 -11.56
N ILE A 227 12.78 -24.93 -12.11
CA ILE A 227 12.27 -23.80 -11.32
C ILE A 227 10.82 -24.05 -10.93
N PHE A 228 10.05 -24.66 -11.83
CA PHE A 228 8.64 -24.94 -11.55
C PHE A 228 8.49 -25.90 -10.37
N ASN A 229 9.25 -27.00 -10.40
CA ASN A 229 9.17 -27.97 -9.30
C ASN A 229 9.67 -27.37 -7.99
N ASP A 230 10.78 -26.62 -8.04
CA ASP A 230 11.32 -26.02 -6.82
C ASP A 230 10.38 -24.96 -6.26
N CYS A 231 9.75 -24.17 -7.13
CA CYS A 231 8.78 -23.18 -6.65
C CYS A 231 7.56 -23.86 -6.02
N LYS A 232 7.19 -25.05 -6.51
CA LYS A 232 6.12 -25.80 -5.88
C LYS A 232 6.49 -26.20 -4.45
N ASP A 233 7.73 -26.64 -4.25
CA ASP A 233 8.17 -27.01 -2.91
C ASP A 233 8.24 -25.78 -1.98
N ILE A 234 8.67 -24.64 -2.51
CA ILE A 234 8.75 -23.43 -1.69
C ILE A 234 7.38 -23.00 -1.22
N ILE A 235 6.39 -23.01 -2.11
CA ILE A 235 5.03 -22.64 -1.72
C ILE A 235 4.43 -23.69 -0.81
N LEU A 236 4.69 -24.97 -1.10
CA LEU A 236 4.15 -26.05 -0.27
C LEU A 236 4.66 -25.95 1.16
N GLN A 237 5.95 -25.64 1.34
CA GLN A 237 6.49 -25.50 2.69
C GLN A 237 5.83 -24.36 3.44
N MET A 238 5.45 -23.28 2.74
CA MET A 238 4.75 -22.18 3.41
C MET A 238 3.36 -22.62 3.88
N ASN A 239 2.65 -23.38 3.04
CA ASN A 239 1.32 -23.85 3.44
C ASN A 239 1.41 -24.79 4.64
N LEU A 240 2.38 -25.71 4.63
CA LEU A 240 2.57 -26.61 5.76
C LEU A 240 3.01 -25.87 7.01
N ARG A 241 3.76 -24.77 6.84
CA ARG A 241 4.25 -24.02 8.00
C ARG A 241 3.10 -23.34 8.74
N GLU A 242 2.15 -22.76 8.00
CA GLU A 242 1.03 -22.08 8.64
C GLU A 242 0.01 -23.04 9.23
N TYR A 243 -0.06 -24.27 8.71
CA TYR A 243 -0.91 -25.31 9.25
C TYR A 243 -0.26 -26.07 10.39
N ASN A 244 0.97 -25.71 10.75
CA ASN A 244 1.73 -26.39 11.81
C ASN A 244 1.93 -27.86 11.51
N LEU A 245 2.05 -28.20 10.23
CA LEU A 245 2.37 -29.56 9.81
C LEU A 245 3.87 -29.79 9.65
N VAL A 246 4.69 -28.75 9.77
CA VAL A 246 6.14 -28.88 9.64
C VAL A 246 6.82 -28.05 10.73
N SER B 12 56.01 6.75 -3.47
CA SER B 12 56.67 7.92 -2.89
C SER B 12 55.71 9.08 -2.76
N GLU B 13 55.29 9.64 -3.90
CA GLU B 13 54.35 10.75 -3.88
C GLU B 13 53.00 10.34 -3.31
N LEU B 14 52.52 9.15 -3.69
CA LEU B 14 51.24 8.67 -3.19
C LEU B 14 51.30 8.43 -1.68
N ASP B 15 52.39 7.83 -1.20
CA ASP B 15 52.53 7.59 0.24
C ASP B 15 52.59 8.89 1.02
N GLN B 16 53.31 9.88 0.49
CA GLN B 16 53.40 11.18 1.17
C GLN B 16 52.05 11.87 1.21
N LEU B 17 51.30 11.82 0.10
CA LEU B 17 50.01 12.51 0.06
C LEU B 17 49.01 11.90 1.01
N ARG B 18 48.92 10.57 1.06
CA ARG B 18 47.96 9.93 1.96
C ARG B 18 48.32 10.13 3.43
N GLN B 19 49.60 10.42 3.73
CA GLN B 19 49.95 10.79 5.10
C GLN B 19 49.46 12.19 5.43
N GLU B 20 49.48 13.09 4.45
CA GLU B 20 48.99 14.45 4.69
C GLU B 20 47.49 14.46 4.94
N ALA B 21 46.74 13.55 4.29
CA ALA B 21 45.31 13.47 4.55
C ALA B 21 45.03 13.09 5.99
N GLU B 22 45.81 12.15 6.55
CA GLU B 22 45.66 11.79 7.95
C GLU B 22 45.97 12.97 8.86
N GLN B 23 47.00 13.75 8.52
CA GLN B 23 47.32 14.95 9.29
C GLN B 23 46.19 15.96 9.21
N LEU B 24 45.58 16.12 8.03
CA LEU B 24 44.46 17.04 7.89
C LEU B 24 43.25 16.57 8.68
N LYS B 25 43.00 15.26 8.70
CA LYS B 25 41.89 14.72 9.49
C LYS B 25 42.10 14.99 10.97
N ASN B 26 43.34 14.83 11.46
CA ASN B 26 43.64 15.15 12.84
C ASN B 26 43.47 16.65 13.11
N GLN B 27 43.81 17.49 12.13
CA GLN B 27 43.62 18.93 12.29
C GLN B 27 42.16 19.27 12.44
N ILE B 28 41.29 18.64 11.62
CA ILE B 28 39.86 18.89 11.72
C ILE B 28 39.33 18.36 13.05
N ARG B 29 39.76 17.16 13.44
CA ARG B 29 39.29 16.58 14.70
C ARG B 29 39.69 17.43 15.89
N ASP B 30 40.92 17.97 15.87
CA ASP B 30 41.34 18.88 16.93
C ASP B 30 40.54 20.18 16.89
N ALA B 31 40.24 20.67 15.68
CA ALA B 31 39.46 21.90 15.56
C ALA B 31 38.04 21.72 16.10
N ARG B 32 37.42 20.58 15.78
CA ARG B 32 36.08 20.30 16.31
C ARG B 32 36.12 20.12 17.82
N LYS B 33 37.15 19.44 18.32
CA LYS B 33 37.28 19.25 19.77
C LYS B 33 37.53 20.57 20.48
N ALA B 34 38.19 21.52 19.82
CA ALA B 34 38.46 22.81 20.41
C ALA B 34 37.17 23.58 20.71
N CYS B 35 36.21 23.52 19.79
CA CYS B 35 34.95 24.24 19.96
C CYS B 35 33.90 23.41 20.68
N ALA B 36 34.23 22.20 21.12
CA ALA B 36 33.30 21.37 21.89
C ALA B 36 33.41 21.69 23.38
N ASP B 37 33.18 22.97 23.69
CA ASP B 37 33.30 23.45 25.07
C ASP B 37 32.24 22.81 25.96
N ALA B 38 31.01 22.69 25.48
CA ALA B 38 29.91 22.15 26.26
C ALA B 38 29.17 21.10 25.45
N THR B 39 28.17 20.49 26.06
CA THR B 39 27.32 19.51 25.41
C THR B 39 25.89 20.04 25.34
N LEU B 40 25.20 19.69 24.25
CA LEU B 40 23.79 20.05 24.12
C LEU B 40 22.96 19.48 25.26
N SER B 41 23.31 18.29 25.75
CA SER B 41 22.60 17.72 26.89
C SER B 41 22.70 18.60 28.13
N GLN B 42 23.90 19.12 28.40
CA GLN B 42 24.08 20.02 29.54
C GLN B 42 23.29 21.31 29.36
N ILE B 43 23.25 21.83 28.13
CA ILE B 43 22.57 23.11 27.89
C ILE B 43 21.07 22.97 28.13
N THR B 44 20.48 21.87 27.68
CA THR B 44 19.03 21.69 27.73
C THR B 44 18.59 20.86 28.93
N ASN B 45 19.45 20.71 29.93
CA ASN B 45 19.07 19.95 31.12
C ASN B 45 18.01 20.69 31.94
N ASN B 46 18.12 22.03 32.01
CA ASN B 46 17.24 22.80 32.87
C ASN B 46 15.81 22.87 32.31
N ILE B 47 15.66 22.89 30.99
CA ILE B 47 14.33 23.08 30.41
C ILE B 47 13.44 21.89 30.74
N ASP B 48 12.14 22.16 30.86
CA ASP B 48 11.19 21.12 31.20
C ASP B 48 10.97 20.18 30.00
N PRO B 49 10.64 18.92 30.27
CA PRO B 49 10.38 17.98 29.16
C PRO B 49 9.08 18.30 28.46
N VAL B 50 8.95 17.77 27.24
CA VAL B 50 7.74 17.94 26.46
C VAL B 50 6.57 17.12 26.97
N GLY B 51 6.81 16.23 27.94
CA GLY B 51 5.77 15.35 28.43
C GLY B 51 5.56 14.17 27.49
N ARG B 52 4.37 13.57 27.63
CA ARG B 52 3.98 12.45 26.77
C ARG B 52 3.27 12.98 25.54
N ILE B 53 3.74 12.56 24.36
CA ILE B 53 3.14 12.95 23.10
C ILE B 53 2.22 11.82 22.65
N GLN B 54 0.91 12.11 22.63
CA GLN B 54 -0.10 11.15 22.22
C GLN B 54 -0.68 11.59 20.89
N MET B 55 -0.53 10.75 19.87
CA MET B 55 -1.10 11.01 18.55
C MET B 55 -2.00 9.86 18.15
N ARG B 56 -3.15 10.20 17.57
CA ARG B 56 -4.12 9.22 17.10
C ARG B 56 -4.13 9.18 15.57
N THR B 57 -4.50 8.03 15.02
CA THR B 57 -4.64 7.89 13.58
C THR B 57 -5.95 8.55 13.16
N ARG B 58 -5.84 9.74 12.57
CA ARG B 58 -7.02 10.44 12.08
C ARG B 58 -7.51 9.86 10.76
N ARG B 59 -6.59 9.51 9.87
CA ARG B 59 -6.94 9.00 8.54
C ARG B 59 -6.11 7.77 8.23
N THR B 60 -6.71 6.85 7.47
CA THR B 60 -6.00 5.73 6.89
C THR B 60 -6.24 5.76 5.38
N LEU B 61 -5.15 5.85 4.62
CA LEU B 61 -5.21 5.93 3.16
C LEU B 61 -5.03 4.53 2.59
N ARG B 62 -6.11 3.99 2.01
CA ARG B 62 -6.12 2.65 1.46
C ARG B 62 -6.25 2.70 -0.06
N GLY B 63 -5.64 1.74 -0.73
CA GLY B 63 -5.68 1.70 -2.17
C GLY B 63 -4.38 1.24 -2.82
N HIS B 64 -3.25 1.51 -2.17
CA HIS B 64 -2.01 0.90 -2.58
C HIS B 64 -2.06 -0.61 -2.33
N LEU B 65 -1.58 -1.37 -3.32
CA LEU B 65 -1.64 -2.82 -3.26
C LEU B 65 -0.25 -3.44 -3.11
N ALA B 66 0.75 -2.66 -2.71
CA ALA B 66 2.09 -3.17 -2.49
C ALA B 66 2.77 -2.31 -1.44
N LYS B 67 4.04 -2.62 -1.18
CA LYS B 67 4.82 -1.85 -0.22
C LYS B 67 4.90 -0.38 -0.64
N ILE B 68 4.54 0.51 0.27
CA ILE B 68 4.76 1.94 0.08
C ILE B 68 6.20 2.27 0.43
N TYR B 69 6.90 2.95 -0.49
CA TYR B 69 8.31 3.25 -0.29
C TYR B 69 8.61 4.72 -0.03
N ALA B 70 7.73 5.64 -0.42
CA ALA B 70 8.00 7.05 -0.22
C ALA B 70 6.69 7.82 -0.19
N MET B 71 6.71 8.96 0.49
CA MET B 71 5.61 9.90 0.50
C MET B 71 6.18 11.30 0.63
N HIS B 72 5.44 12.29 0.14
CA HIS B 72 5.84 13.68 0.31
C HIS B 72 4.61 14.57 0.34
N TRP B 73 4.52 15.40 1.37
CA TRP B 73 3.44 16.37 1.47
C TRP B 73 3.62 17.50 0.45
N GLY B 74 2.50 18.00 -0.07
CA GLY B 74 2.51 19.26 -0.77
C GLY B 74 2.57 20.43 0.19
N THR B 75 2.89 21.61 -0.36
CA THR B 75 3.10 22.79 0.48
C THR B 75 1.80 23.34 1.06
N ASP B 76 0.65 22.93 0.54
CA ASP B 76 -0.64 23.36 1.08
C ASP B 76 -1.04 22.59 2.33
N SER B 77 -0.22 21.62 2.76
CA SER B 77 -0.45 20.81 3.95
C SER B 77 -1.72 19.97 3.86
N ARG B 78 -2.25 19.79 2.65
CA ARG B 78 -3.45 18.99 2.44
C ARG B 78 -3.26 17.87 1.44
N LEU B 79 -2.55 18.11 0.34
CA LEU B 79 -2.29 17.09 -0.65
C LEU B 79 -0.95 16.42 -0.39
N LEU B 80 -0.89 15.11 -0.63
CA LEU B 80 0.34 14.36 -0.53
C LEU B 80 0.40 13.33 -1.64
N VAL B 81 1.62 12.97 -2.03
CA VAL B 81 1.87 11.96 -3.05
C VAL B 81 2.61 10.80 -2.39
N SER B 82 2.18 9.58 -2.70
CA SER B 82 2.83 8.38 -2.20
C SER B 82 3.18 7.46 -3.35
N ALA B 83 4.29 6.75 -3.20
CA ALA B 83 4.77 5.81 -4.21
C ALA B 83 4.79 4.40 -3.63
N SER B 84 4.31 3.45 -4.42
CA SER B 84 4.33 2.04 -4.05
C SER B 84 4.87 1.24 -5.23
N GLN B 85 5.34 0.02 -4.92
CA GLN B 85 5.88 -0.86 -5.96
C GLN B 85 4.81 -1.72 -6.62
N ASP B 86 3.55 -1.30 -6.56
CA ASP B 86 2.53 -1.78 -7.48
C ASP B 86 2.50 -0.98 -8.78
N GLY B 87 3.50 -0.11 -8.99
CA GLY B 87 3.54 0.72 -10.18
C GLY B 87 2.54 1.84 -10.22
N LYS B 88 2.12 2.35 -9.06
CA LYS B 88 1.09 3.38 -8.99
C LYS B 88 1.60 4.54 -8.14
N LEU B 89 1.55 5.75 -8.71
CA LEU B 89 1.68 6.99 -7.95
C LEU B 89 0.28 7.51 -7.66
N ILE B 90 -0.03 7.74 -6.38
CA ILE B 90 -1.33 8.22 -5.95
C ILE B 90 -1.15 9.56 -5.24
N ILE B 91 -2.00 10.52 -5.60
CA ILE B 91 -2.08 11.82 -4.93
C ILE B 91 -3.35 11.82 -4.09
N TRP B 92 -3.20 12.07 -2.78
CA TRP B 92 -4.29 11.95 -1.83
C TRP B 92 -4.74 13.33 -1.35
N ASP B 93 -6.05 13.48 -1.18
CA ASP B 93 -6.63 14.58 -0.41
C ASP B 93 -6.72 14.09 1.03
N SER B 94 -5.81 14.57 1.89
CA SER B 94 -5.71 14.01 3.23
C SER B 94 -6.92 14.36 4.08
N TYR B 95 -7.61 15.46 3.80
CA TYR B 95 -8.76 15.84 4.60
C TYR B 95 -9.92 14.87 4.39
N THR B 96 -10.14 14.41 3.16
CA THR B 96 -11.26 13.55 2.82
C THR B 96 -10.86 12.11 2.51
N THR B 97 -9.57 11.83 2.44
CA THR B 97 -8.99 10.56 1.97
C THR B 97 -9.35 10.25 0.52
N ASN B 98 -9.89 11.23 -0.22
CA ASN B 98 -10.16 11.03 -1.64
C ASN B 98 -8.85 10.91 -2.43
N LYS B 99 -8.85 10.05 -3.43
CA LYS B 99 -7.75 9.94 -4.37
C LYS B 99 -7.94 10.97 -5.48
N VAL B 100 -6.99 11.92 -5.58
CA VAL B 100 -7.10 12.95 -6.59
C VAL B 100 -6.57 12.46 -7.94
N HIS B 101 -5.45 11.72 -7.93
CA HIS B 101 -4.88 11.18 -9.15
C HIS B 101 -4.32 9.79 -8.87
N ALA B 102 -4.20 9.00 -9.94
CA ALA B 102 -3.49 7.73 -9.90
C ALA B 102 -2.61 7.66 -11.15
N ILE B 103 -1.30 7.79 -10.96
CA ILE B 103 -0.35 7.88 -12.06
C ILE B 103 0.28 6.50 -12.26
N PRO B 104 0.04 5.83 -13.39
CA PRO B 104 0.72 4.55 -13.64
C PRO B 104 2.17 4.78 -14.04
N LEU B 105 3.07 4.10 -13.34
CA LEU B 105 4.51 4.26 -13.56
C LEU B 105 4.99 3.28 -14.62
N ARG B 106 5.88 3.75 -15.49
CA ARG B 106 6.47 2.88 -16.49
C ARG B 106 7.31 1.77 -15.84
N SER B 107 8.06 2.12 -14.80
CA SER B 107 8.81 1.15 -14.01
C SER B 107 8.21 1.08 -12.62
N SER B 108 7.84 -0.12 -12.19
CA SER B 108 7.14 -0.28 -10.91
C SER B 108 8.09 -0.28 -9.72
N TRP B 109 9.41 -0.30 -9.94
CA TRP B 109 10.36 -0.43 -8.85
C TRP B 109 10.75 0.94 -8.29
N VAL B 110 9.75 1.74 -7.94
CA VAL B 110 9.96 3.10 -7.49
C VAL B 110 10.45 3.09 -6.05
N MET B 111 11.39 3.99 -5.75
CA MET B 111 11.96 4.10 -4.41
C MET B 111 11.78 5.46 -3.77
N THR B 112 11.48 6.50 -4.54
CA THR B 112 11.35 7.85 -4.01
C THR B 112 10.25 8.58 -4.78
N CYS B 113 9.69 9.60 -4.12
CA CYS B 113 8.73 10.49 -4.77
C CYS B 113 8.84 11.87 -4.14
N ALA B 114 8.56 12.89 -4.95
CA ALA B 114 8.61 14.27 -4.48
C ALA B 114 7.43 15.06 -5.03
N TYR B 115 6.91 15.95 -4.21
CA TYR B 115 5.85 16.88 -4.61
C TYR B 115 6.47 18.27 -4.78
N ALA B 116 6.26 18.88 -5.94
CA ALA B 116 6.81 20.20 -6.18
C ALA B 116 6.16 21.22 -5.25
N PRO B 117 6.90 22.21 -4.78
CA PRO B 117 6.30 23.25 -3.91
C PRO B 117 5.20 24.03 -4.59
N SER B 118 5.24 24.18 -5.92
CA SER B 118 4.16 24.84 -6.63
C SER B 118 2.92 23.97 -6.71
N GLY B 119 3.07 22.65 -6.61
CA GLY B 119 1.96 21.73 -6.74
C GLY B 119 1.63 21.33 -8.16
N ASN B 120 2.39 21.80 -9.15
CA ASN B 120 2.12 21.52 -10.54
C ASN B 120 2.82 20.27 -11.05
N TYR B 121 3.80 19.74 -10.31
CA TYR B 121 4.59 18.61 -10.78
C TYR B 121 4.83 17.65 -9.63
N VAL B 122 4.98 16.37 -9.98
CA VAL B 122 5.49 15.36 -9.07
C VAL B 122 6.60 14.59 -9.76
N ALA B 123 7.50 14.02 -8.95
CA ALA B 123 8.66 13.30 -9.45
C ALA B 123 8.78 11.97 -8.72
N CYS B 124 9.35 10.98 -9.40
CA CYS B 124 9.59 9.68 -8.79
C CYS B 124 10.67 8.96 -9.59
N GLY B 125 11.20 7.90 -8.99
CA GLY B 125 12.20 7.08 -9.64
C GLY B 125 12.78 6.02 -8.73
N GLY B 126 13.28 4.93 -9.32
CA GLY B 126 13.82 3.85 -8.54
C GLY B 126 14.97 3.11 -9.20
N LEU B 127 14.86 1.78 -9.26
CA LEU B 127 15.87 0.94 -9.87
C LEU B 127 16.02 1.15 -11.37
N ASP B 128 15.14 1.93 -12.00
CA ASP B 128 15.26 2.23 -13.42
C ASP B 128 16.25 3.35 -13.70
N ASN B 129 16.85 3.94 -12.67
CA ASN B 129 17.88 4.97 -12.81
C ASN B 129 17.36 6.24 -13.47
N ILE B 130 16.05 6.48 -13.43
CA ILE B 130 15.42 7.60 -14.11
C ILE B 130 14.58 8.37 -13.10
N CYS B 131 14.64 9.70 -13.18
CA CYS B 131 13.73 10.58 -12.45
C CYS B 131 12.70 11.10 -13.43
N SER B 132 11.46 10.66 -13.27
CA SER B 132 10.37 11.02 -14.18
C SER B 132 9.58 12.17 -13.59
N ILE B 133 9.33 13.20 -14.39
CA ILE B 133 8.55 14.36 -13.99
C ILE B 133 7.16 14.25 -14.59
N TYR B 134 6.14 14.40 -13.76
CA TYR B 134 4.75 14.27 -14.18
C TYR B 134 4.05 15.62 -14.02
N ASN B 135 3.35 16.05 -15.07
CA ASN B 135 2.62 17.31 -15.06
C ASN B 135 1.21 17.06 -14.55
N LEU B 136 0.85 17.73 -13.45
CA LEU B 136 -0.46 17.57 -12.84
C LEU B 136 -1.51 18.52 -13.38
N LYS B 137 -1.09 19.61 -14.03
CA LYS B 137 -2.02 20.64 -14.52
C LYS B 137 -1.91 20.68 -16.04
N THR B 138 -2.69 19.83 -16.70
CA THR B 138 -2.77 19.81 -18.16
C THR B 138 -4.19 20.13 -18.61
N ARG B 139 -4.30 20.72 -19.80
CA ARG B 139 -5.62 20.97 -20.36
C ARG B 139 -6.36 19.70 -20.72
N GLU B 140 -5.66 18.58 -20.86
CA GLU B 140 -6.31 17.32 -21.20
C GLU B 140 -6.94 16.62 -20.00
N GLY B 141 -6.66 17.07 -18.79
CA GLY B 141 -7.29 16.51 -17.61
C GLY B 141 -6.64 15.27 -17.06
N ASN B 142 -5.50 14.85 -17.60
CA ASN B 142 -4.79 13.67 -17.13
C ASN B 142 -3.34 14.04 -16.82
N VAL B 143 -2.73 13.22 -15.97
CA VAL B 143 -1.31 13.36 -15.66
C VAL B 143 -0.49 12.68 -16.75
N ARG B 144 0.50 13.39 -17.29
CA ARG B 144 1.37 12.88 -18.33
C ARG B 144 2.82 13.04 -17.91
N VAL B 145 3.68 12.17 -18.44
CA VAL B 145 5.12 12.32 -18.27
C VAL B 145 5.59 13.55 -19.03
N SER B 146 6.25 14.47 -18.33
CA SER B 146 6.82 15.64 -18.98
C SER B 146 8.31 15.53 -19.23
N ARG B 147 9.04 14.80 -18.38
CA ARG B 147 10.49 14.65 -18.54
C ARG B 147 10.93 13.33 -17.92
N GLU B 148 11.93 12.71 -18.55
CA GLU B 148 12.64 11.57 -17.97
C GLU B 148 14.12 11.95 -17.85
N LEU B 149 14.60 12.09 -16.62
CA LEU B 149 15.96 12.56 -16.36
C LEU B 149 16.89 11.36 -16.32
N ALA B 150 17.65 11.17 -17.40
CA ALA B 150 18.63 10.10 -17.50
C ALA B 150 20.03 10.64 -17.30
N GLY B 151 20.93 9.78 -16.81
CA GLY B 151 22.29 10.20 -16.52
C GLY B 151 22.90 9.54 -15.30
N HIS B 152 22.07 9.15 -14.34
CA HIS B 152 22.56 8.38 -13.20
C HIS B 152 22.84 6.95 -13.62
N THR B 153 23.92 6.39 -13.08
CA THR B 153 24.30 5.00 -13.34
C THR B 153 23.92 4.07 -12.19
N GLY B 154 23.14 4.56 -11.23
CA GLY B 154 22.62 3.73 -10.16
C GLY B 154 21.16 4.06 -9.89
N TYR B 155 20.58 3.32 -8.94
CA TYR B 155 19.18 3.52 -8.62
C TYR B 155 18.97 4.90 -8.01
N LEU B 156 17.78 5.45 -8.23
CA LEU B 156 17.42 6.74 -7.65
C LEU B 156 16.88 6.53 -6.25
N SER B 157 17.54 7.14 -5.26
CA SER B 157 17.17 6.95 -3.86
C SER B 157 16.33 8.09 -3.30
N CYS B 158 16.54 9.32 -3.75
CA CYS B 158 15.77 10.45 -3.26
C CYS B 158 15.77 11.56 -4.30
N CYS B 159 14.73 12.39 -4.25
CA CYS B 159 14.61 13.52 -5.15
C CYS B 159 13.82 14.62 -4.45
N ARG B 160 14.19 15.87 -4.69
CA ARG B 160 13.51 17.01 -4.10
C ARG B 160 13.53 18.17 -5.08
N PHE B 161 12.36 18.77 -5.31
CA PHE B 161 12.27 19.95 -6.16
C PHE B 161 12.83 21.17 -5.46
N LEU B 162 13.58 21.98 -6.21
CA LEU B 162 13.89 23.35 -5.78
C LEU B 162 12.85 24.32 -6.31
N ASP B 163 12.41 24.12 -7.54
CA ASP B 163 11.32 24.88 -8.16
C ASP B 163 10.77 24.03 -9.29
N ASP B 164 9.96 24.64 -10.15
CA ASP B 164 9.36 23.90 -11.26
C ASP B 164 10.38 23.48 -12.31
N ASN B 165 11.57 24.09 -12.30
CA ASN B 165 12.58 23.81 -13.32
C ASN B 165 13.82 23.11 -12.80
N GLN B 166 14.03 23.10 -11.48
CA GLN B 166 15.22 22.50 -10.89
C GLN B 166 14.82 21.41 -9.89
N ILE B 167 15.57 20.32 -9.90
CA ILE B 167 15.38 19.23 -8.94
C ILE B 167 16.74 18.63 -8.61
N VAL B 168 16.91 18.22 -7.36
CA VAL B 168 18.12 17.54 -6.91
C VAL B 168 17.79 16.08 -6.68
N THR B 169 18.63 15.19 -7.21
CA THR B 169 18.46 13.75 -7.05
C THR B 169 19.71 13.15 -6.43
N SER B 170 19.52 12.18 -5.55
CA SER B 170 20.59 11.35 -5.03
C SER B 170 20.43 9.93 -5.56
N SER B 171 21.55 9.29 -5.86
CA SER B 171 21.55 7.99 -6.51
C SER B 171 22.44 7.02 -5.75
N GLY B 172 22.30 5.74 -6.09
CA GLY B 172 23.16 4.68 -5.60
C GLY B 172 24.50 4.57 -6.28
N ASP B 173 24.78 5.39 -7.28
CA ASP B 173 26.10 5.45 -7.91
C ASP B 173 27.05 6.39 -7.19
N THR B 174 26.78 6.71 -5.92
CA THR B 174 27.63 7.48 -5.01
C THR B 174 27.64 8.97 -5.33
N THR B 175 26.79 9.45 -6.24
CA THR B 175 26.78 10.84 -6.64
C THR B 175 25.39 11.43 -6.50
N CYS B 176 25.34 12.73 -6.25
CA CYS B 176 24.11 13.52 -6.34
C CYS B 176 24.21 14.44 -7.56
N ALA B 177 23.06 14.80 -8.11
CA ALA B 177 23.01 15.66 -9.29
C ALA B 177 21.95 16.72 -9.13
N LEU B 178 22.23 17.90 -9.67
CA LEU B 178 21.26 18.98 -9.84
C LEU B 178 20.85 19.04 -11.29
N TRP B 179 19.54 19.03 -11.55
CA TRP B 179 19.01 18.91 -12.90
C TRP B 179 18.29 20.17 -13.32
N ASP B 180 18.42 20.52 -14.59
CA ASP B 180 17.56 21.50 -15.25
C ASP B 180 16.47 20.73 -15.99
N ILE B 181 15.24 20.82 -15.50
CA ILE B 181 14.17 19.96 -16.01
C ILE B 181 13.82 20.34 -17.45
N GLU B 182 13.84 21.63 -17.77
CA GLU B 182 13.45 22.07 -19.10
C GLU B 182 14.39 21.55 -20.18
N THR B 183 15.70 21.59 -19.91
CA THR B 183 16.69 21.09 -20.87
C THR B 183 17.00 19.61 -20.68
N GLY B 184 16.61 19.01 -19.55
CA GLY B 184 16.87 17.60 -19.34
C GLY B 184 18.30 17.24 -19.01
N GLN B 185 19.15 18.23 -18.74
CA GLN B 185 20.56 18.00 -18.46
C GLN B 185 20.87 18.32 -17.01
N GLN B 186 21.82 17.57 -16.45
CA GLN B 186 22.27 17.81 -15.09
C GLN B 186 23.31 18.93 -15.10
N THR B 187 22.96 20.08 -14.52
CA THR B 187 23.86 21.22 -14.53
C THR B 187 25.04 21.01 -13.61
N THR B 188 24.82 20.41 -12.44
CA THR B 188 25.86 20.18 -11.46
C THR B 188 25.84 18.72 -11.02
N THR B 189 27.04 18.15 -10.84
CA THR B 189 27.21 16.81 -10.30
C THR B 189 27.96 16.91 -8.98
N PHE B 190 27.41 16.26 -7.95
CA PHE B 190 27.97 16.31 -6.60
C PHE B 190 28.64 14.98 -6.32
N THR B 191 29.97 14.97 -6.32
CA THR B 191 30.77 13.78 -6.09
C THR B 191 31.55 13.90 -4.78
N GLY B 192 31.86 12.75 -4.19
CA GLY B 192 32.63 12.72 -2.98
C GLY B 192 32.23 11.63 -2.01
N HIS B 193 31.00 11.13 -2.14
CA HIS B 193 30.57 9.98 -1.35
C HIS B 193 31.20 8.70 -1.90
N THR B 194 31.65 7.83 -1.00
CA THR B 194 32.22 6.56 -1.38
C THR B 194 31.21 5.42 -1.32
N GLY B 195 29.97 5.69 -0.94
CA GLY B 195 28.93 4.68 -0.93
C GLY B 195 27.65 5.21 -1.56
N ASP B 196 26.66 4.33 -1.62
CA ASP B 196 25.36 4.69 -2.19
C ASP B 196 24.69 5.77 -1.36
N VAL B 197 24.38 6.90 -1.99
CA VAL B 197 23.63 7.96 -1.32
C VAL B 197 22.17 7.56 -1.23
N MET B 198 21.65 7.51 0.00
CA MET B 198 20.31 6.97 0.23
C MET B 198 19.24 8.04 0.41
N SER B 199 19.62 9.26 0.78
CA SER B 199 18.63 10.29 1.05
C SER B 199 19.28 11.66 0.89
N LEU B 200 18.43 12.68 0.75
CA LEU B 200 18.87 14.06 0.77
C LEU B 200 17.78 14.92 1.38
N SER B 201 18.19 16.05 1.95
CA SER B 201 17.26 17.03 2.51
C SER B 201 17.68 18.42 2.07
N LEU B 202 16.71 19.24 1.67
CA LEU B 202 16.96 20.61 1.24
C LEU B 202 16.89 21.56 2.43
N ALA B 203 17.79 22.54 2.44
CA ALA B 203 17.71 23.61 3.42
C ALA B 203 16.52 24.51 3.12
N PRO B 204 15.96 25.17 4.14
CA PRO B 204 14.76 26.00 3.92
C PRO B 204 14.95 27.09 2.88
N ASP B 205 16.15 27.66 2.76
CA ASP B 205 16.45 28.66 1.75
C ASP B 205 16.85 28.05 0.41
N THR B 206 16.95 26.72 0.33
CA THR B 206 17.29 26.00 -0.90
C THR B 206 18.62 26.45 -1.49
N ARG B 207 19.53 26.91 -0.63
CA ARG B 207 20.90 27.20 -1.05
C ARG B 207 21.87 26.07 -0.71
N LEU B 208 21.51 25.19 0.22
CA LEU B 208 22.32 24.06 0.62
C LEU B 208 21.45 22.82 0.71
N PHE B 209 22.09 21.66 0.65
CA PHE B 209 21.39 20.41 0.96
C PHE B 209 22.39 19.42 1.52
N VAL B 210 21.90 18.59 2.44
CA VAL B 210 22.69 17.52 3.04
C VAL B 210 22.25 16.20 2.44
N SER B 211 23.20 15.28 2.31
CA SER B 211 22.93 13.94 1.81
C SER B 211 23.61 12.91 2.70
N GLY B 212 22.93 11.79 2.94
CA GLY B 212 23.47 10.69 3.70
C GLY B 212 23.68 9.47 2.80
N ALA B 213 24.84 8.86 2.94
CA ALA B 213 25.25 7.74 2.09
C ALA B 213 25.50 6.51 2.95
N CYS B 214 25.93 5.44 2.31
CA CYS B 214 26.26 4.19 2.98
C CYS B 214 27.69 4.14 3.52
N ASP B 215 28.48 5.19 3.31
CA ASP B 215 29.76 5.35 3.99
C ASP B 215 29.63 5.94 5.39
N ALA B 216 28.42 5.95 5.94
CA ALA B 216 28.15 6.41 7.31
C ALA B 216 28.55 7.87 7.51
N SER B 217 28.50 8.66 6.44
CA SER B 217 28.89 10.07 6.51
C SER B 217 27.83 10.92 5.85
N ALA B 218 27.69 12.15 6.35
CA ALA B 218 26.78 13.14 5.80
C ALA B 218 27.57 14.33 5.29
N LYS B 219 27.34 14.71 4.04
CA LYS B 219 28.04 15.81 3.41
C LYS B 219 27.10 16.97 3.13
N LEU B 220 27.57 18.18 3.39
CA LEU B 220 26.82 19.40 3.12
C LEU B 220 27.31 20.00 1.81
N TRP B 221 26.39 20.18 0.87
CA TRP B 221 26.72 20.62 -0.48
C TRP B 221 26.15 22.01 -0.73
N ASP B 222 26.91 22.83 -1.46
CA ASP B 222 26.43 24.11 -1.95
C ASP B 222 25.80 23.91 -3.33
N VAL B 223 24.55 24.32 -3.48
CA VAL B 223 23.83 24.07 -4.72
C VAL B 223 24.45 24.86 -5.87
N ARG B 224 24.69 26.16 -5.65
CA ARG B 224 25.19 27.01 -6.73
C ARG B 224 26.65 26.71 -7.03
N GLU B 225 27.49 26.57 -5.99
CA GLU B 225 28.91 26.35 -6.22
C GLU B 225 29.18 24.92 -6.67
N GLY B 226 28.45 23.95 -6.12
CA GLY B 226 28.55 22.57 -6.57
C GLY B 226 29.61 21.74 -5.92
N MET B 227 30.14 22.16 -4.78
CA MET B 227 31.16 21.40 -4.05
C MET B 227 30.67 21.08 -2.65
N CYS B 228 31.35 20.13 -2.01
CA CYS B 228 31.03 19.74 -0.63
C CYS B 228 31.67 20.74 0.33
N ARG B 229 30.85 21.35 1.18
CA ARG B 229 31.37 22.30 2.16
C ARG B 229 31.88 21.60 3.41
N GLN B 230 31.09 20.68 3.97
CA GLN B 230 31.46 20.01 5.20
C GLN B 230 31.07 18.54 5.12
N THR B 231 31.80 17.70 5.87
CA THR B 231 31.52 16.28 5.98
C THR B 231 31.29 15.93 7.44
N PHE B 232 30.21 15.20 7.71
CA PHE B 232 29.82 14.83 9.06
C PHE B 232 29.88 13.32 9.20
N THR B 233 30.69 12.84 10.15
CA THR B 233 30.82 11.43 10.45
C THR B 233 30.43 11.17 11.89
N GLY B 234 30.33 9.87 12.24
CA GLY B 234 29.92 9.48 13.57
C GLY B 234 29.01 8.27 13.59
N HIS B 235 28.29 8.03 12.50
CA HIS B 235 27.50 6.81 12.37
C HIS B 235 28.40 5.61 12.15
N GLU B 236 27.90 4.44 12.56
CA GLU B 236 28.63 3.19 12.40
C GLU B 236 28.12 2.31 11.27
N SER B 237 27.01 2.69 10.63
CA SER B 237 26.45 1.91 9.54
C SER B 237 25.84 2.85 8.51
N ASP B 238 25.23 2.27 7.48
CA ASP B 238 24.67 3.05 6.39
C ASP B 238 23.62 4.03 6.90
N ILE B 239 23.68 5.26 6.39
CA ILE B 239 22.65 6.25 6.68
C ILE B 239 21.51 6.08 5.70
N ASN B 240 20.28 5.97 6.23
CA ASN B 240 19.10 5.78 5.40
C ASN B 240 18.21 7.01 5.32
N ALA B 241 18.32 7.94 6.26
CA ALA B 241 17.41 9.07 6.31
C ALA B 241 18.17 10.30 6.80
N ILE B 242 17.67 11.47 6.40
CA ILE B 242 18.29 12.74 6.75
C ILE B 242 17.22 13.82 6.64
N CYS B 243 17.29 14.81 7.53
CA CYS B 243 16.30 15.87 7.57
C CYS B 243 16.89 17.12 8.19
N PHE B 244 16.70 18.26 7.52
CA PHE B 244 17.20 19.53 8.03
C PHE B 244 16.37 20.01 9.22
N PHE B 245 17.04 20.67 10.16
CA PHE B 245 16.34 21.38 11.21
C PHE B 245 15.58 22.57 10.61
N PRO B 246 14.43 22.92 11.20
CA PRO B 246 13.57 23.94 10.56
C PRO B 246 14.26 25.28 10.34
N ASN B 247 15.26 25.65 11.14
CA ASN B 247 15.96 26.90 10.92
C ASN B 247 17.14 26.78 9.96
N GLY B 248 17.47 25.57 9.52
CA GLY B 248 18.53 25.36 8.56
C GLY B 248 19.93 25.30 9.12
N ASN B 249 20.10 25.42 10.44
CA ASN B 249 21.43 25.42 11.06
C ASN B 249 21.83 24.05 11.60
N ALA B 250 20.99 23.04 11.42
CA ALA B 250 21.29 21.69 11.89
C ALA B 250 20.53 20.69 11.05
N PHE B 251 20.91 19.42 11.17
CA PHE B 251 20.17 18.34 10.53
C PHE B 251 20.33 17.07 11.35
N ALA B 252 19.37 16.17 11.20
CA ALA B 252 19.38 14.88 11.88
C ALA B 252 19.44 13.77 10.85
N THR B 253 20.13 12.69 11.20
CA THR B 253 20.28 11.53 10.34
C THR B 253 19.76 10.29 11.03
N GLY B 254 19.41 9.28 10.24
CA GLY B 254 19.06 7.98 10.76
C GLY B 254 19.80 6.86 10.04
N SER B 255 20.36 5.93 10.80
CA SER B 255 21.20 4.88 10.26
C SER B 255 20.65 3.51 10.64
N ASP B 256 21.31 2.46 10.13
CA ASP B 256 20.97 1.09 10.48
C ASP B 256 21.46 0.67 11.86
N ASP B 257 22.24 1.51 12.55
CA ASP B 257 22.73 1.19 13.88
C ASP B 257 21.75 1.58 14.98
N ALA B 258 20.48 1.80 14.63
CA ALA B 258 19.42 2.08 15.60
C ALA B 258 19.65 3.38 16.35
N THR B 259 20.34 4.33 15.74
CA THR B 259 20.63 5.61 16.37
C THR B 259 20.27 6.75 15.44
N CYS B 260 19.87 7.87 16.03
CA CYS B 260 19.70 9.13 15.33
C CYS B 260 20.67 10.14 15.93
N ARG B 261 21.33 10.91 15.07
CA ARG B 261 22.32 11.88 15.50
C ARG B 261 21.97 13.26 14.96
N LEU B 262 22.16 14.28 15.79
CA LEU B 262 21.90 15.66 15.42
C LEU B 262 23.24 16.35 15.17
N PHE B 263 23.50 16.70 13.91
CA PHE B 263 24.72 17.40 13.53
C PHE B 263 24.43 18.89 13.36
N ASP B 264 25.41 19.72 13.73
CA ASP B 264 25.32 21.16 13.58
C ASP B 264 26.19 21.60 12.42
N LEU B 265 25.65 22.48 11.57
CA LEU B 265 26.42 22.97 10.42
C LEU B 265 27.56 23.88 10.89
N ARG B 266 27.26 24.84 11.75
CA ARG B 266 28.26 25.83 12.13
C ARG B 266 29.29 25.25 13.10
N ALA B 267 28.86 24.41 14.04
CA ALA B 267 29.81 23.71 14.90
C ALA B 267 30.52 22.56 14.20
N ASP B 268 30.00 22.12 13.06
CA ASP B 268 30.66 21.13 12.22
C ASP B 268 30.93 19.82 12.97
N GLN B 269 29.97 19.39 13.79
CA GLN B 269 30.13 18.17 14.55
C GLN B 269 28.78 17.71 15.07
N GLU B 270 28.76 16.47 15.56
CA GLU B 270 27.56 15.90 16.17
C GLU B 270 27.26 16.58 17.51
N LEU B 271 25.98 16.80 17.78
CA LEU B 271 25.55 17.42 19.03
C LEU B 271 24.81 16.48 19.96
N MET B 272 24.10 15.49 19.44
CA MET B 272 23.25 14.65 20.27
C MET B 272 22.95 13.35 19.55
N THR B 273 22.83 12.27 20.32
CA THR B 273 22.48 10.95 19.81
C THR B 273 21.15 10.51 20.38
N TYR B 274 20.30 9.95 19.52
CA TYR B 274 18.95 9.51 19.90
C TYR B 274 18.88 8.00 19.71
N SER B 275 19.14 7.26 20.78
CA SER B 275 19.09 5.80 20.72
C SER B 275 18.58 5.26 22.05
N HIS B 276 18.03 4.05 22.00
CA HIS B 276 17.52 3.36 23.17
C HIS B 276 18.01 1.92 23.16
N ASP B 277 18.10 1.33 24.36
CA ASP B 277 18.61 -0.03 24.47
C ASP B 277 17.66 -1.05 23.86
N ASN B 278 16.34 -0.81 23.95
CA ASN B 278 15.39 -1.72 23.33
C ASN B 278 15.46 -1.68 21.81
N ILE B 279 15.86 -0.55 21.24
CA ILE B 279 15.87 -0.38 19.79
C ILE B 279 17.13 -1.00 19.22
N ILE B 280 16.97 -2.01 18.37
CA ILE B 280 18.10 -2.70 17.76
C ILE B 280 17.90 -2.78 16.26
N CYS B 281 16.85 -2.13 15.76
CA CYS B 281 16.49 -2.19 14.35
C CYS B 281 16.92 -0.91 13.62
N GLY B 282 17.00 -1.01 12.30
CA GLY B 282 17.40 0.12 11.51
C GLY B 282 16.33 1.19 11.43
N ILE B 283 16.77 2.40 11.09
CA ILE B 283 15.90 3.56 10.96
C ILE B 283 15.73 3.87 9.48
N THR B 284 14.49 4.13 9.07
CA THR B 284 14.17 4.36 7.67
C THR B 284 13.89 5.81 7.31
N SER B 285 13.32 6.59 8.23
CA SER B 285 12.89 7.94 7.93
C SER B 285 12.97 8.79 9.18
N VAL B 286 13.25 10.08 9.00
CA VAL B 286 13.33 11.05 10.09
C VAL B 286 12.70 12.35 9.63
N SER B 287 12.09 13.06 10.59
CA SER B 287 11.51 14.37 10.31
C SER B 287 11.40 15.14 11.61
N PHE B 288 11.25 16.45 11.47
CA PHE B 288 11.08 17.35 12.61
C PHE B 288 9.68 17.95 12.61
N SER B 289 9.20 18.30 13.79
CA SER B 289 7.99 19.09 13.91
C SER B 289 8.27 20.54 13.47
N LYS B 290 7.20 21.33 13.38
CA LYS B 290 7.32 22.66 12.81
C LYS B 290 8.28 23.53 13.62
N SER B 291 8.21 23.44 14.95
CA SER B 291 9.15 24.16 15.80
C SER B 291 10.48 23.44 15.95
N GLY B 292 10.59 22.20 15.49
CA GLY B 292 11.81 21.44 15.62
C GLY B 292 12.02 20.78 16.97
N ARG B 293 11.10 20.96 17.91
CA ARG B 293 11.28 20.40 19.24
C ARG B 293 11.14 18.88 19.24
N LEU B 294 10.37 18.32 18.31
CA LEU B 294 10.15 16.88 18.22
C LEU B 294 10.88 16.32 17.02
N LEU B 295 11.55 15.19 17.21
CA LEU B 295 12.17 14.43 16.13
C LEU B 295 11.44 13.10 16.00
N LEU B 296 10.77 12.91 14.87
CA LEU B 296 10.02 11.69 14.61
C LEU B 296 10.82 10.79 13.68
N ALA B 297 10.98 9.53 14.06
CA ALA B 297 11.79 8.57 13.32
C ALA B 297 11.00 7.30 13.09
N GLY B 298 11.04 6.78 11.87
CA GLY B 298 10.43 5.50 11.55
C GLY B 298 11.46 4.39 11.63
N TYR B 299 11.01 3.22 12.08
CA TYR B 299 11.89 2.12 12.43
C TYR B 299 11.46 0.84 11.72
N ASP B 300 12.38 -0.13 11.69
CA ASP B 300 12.07 -1.44 11.13
C ASP B 300 11.16 -2.27 12.03
N ASP B 301 11.06 -1.95 13.32
CA ASP B 301 10.26 -2.73 14.25
C ASP B 301 8.77 -2.36 14.21
N PHE B 302 8.31 -1.78 13.10
CA PHE B 302 6.91 -1.48 12.77
C PHE B 302 6.41 -0.25 13.51
N ASN B 303 7.27 0.48 14.21
CA ASN B 303 6.85 1.59 15.06
C ASN B 303 7.52 2.88 14.62
N CYS B 304 6.93 4.00 15.05
CA CYS B 304 7.52 5.33 14.88
C CYS B 304 7.69 5.95 16.25
N ASN B 305 8.93 6.26 16.61
CA ASN B 305 9.25 6.84 17.91
C ASN B 305 9.42 8.35 17.79
N VAL B 306 8.71 9.08 18.64
CA VAL B 306 8.82 10.53 18.70
C VAL B 306 9.84 10.88 19.78
N TRP B 307 10.91 11.56 19.38
CA TRP B 307 11.98 11.93 20.29
C TRP B 307 11.91 13.40 20.65
N ASP B 308 12.38 13.73 21.85
CA ASP B 308 12.65 15.11 22.23
C ASP B 308 14.00 15.51 21.64
N ALA B 309 13.98 16.43 20.67
CA ALA B 309 15.20 16.80 19.98
C ALA B 309 16.23 17.42 20.91
N LEU B 310 15.78 18.27 21.84
CA LEU B 310 16.71 18.96 22.71
C LEU B 310 17.24 18.07 23.82
N LYS B 311 16.39 17.21 24.39
CA LYS B 311 16.76 16.43 25.57
C LYS B 311 17.01 14.96 25.29
N ALA B 312 16.84 14.52 24.03
CA ALA B 312 17.10 13.13 23.63
C ALA B 312 16.26 12.15 24.46
N ASP B 313 15.02 12.52 24.73
CA ASP B 313 14.07 11.68 25.43
C ASP B 313 13.01 11.17 24.45
N ARG B 314 12.67 9.90 24.56
CA ARG B 314 11.60 9.33 23.73
C ARG B 314 10.26 9.84 24.25
N ALA B 315 9.67 10.79 23.52
CA ALA B 315 8.45 11.43 23.99
C ALA B 315 7.23 10.54 23.79
N GLY B 316 7.19 9.76 22.72
CA GLY B 316 6.04 8.92 22.46
C GLY B 316 6.34 7.92 21.36
N VAL B 317 5.34 7.10 21.06
CA VAL B 317 5.45 6.05 20.06
C VAL B 317 4.20 6.09 19.19
N LEU B 318 4.40 6.04 17.87
CA LEU B 318 3.29 5.85 16.93
C LEU B 318 3.30 4.41 16.46
N ALA B 319 2.39 3.61 17.00
CA ALA B 319 2.28 2.18 16.69
C ALA B 319 0.95 1.96 15.97
N GLY B 320 1.00 1.99 14.65
CA GLY B 320 -0.20 1.77 13.87
C GLY B 320 0.02 1.01 12.57
N HIS B 321 1.16 0.35 12.44
CA HIS B 321 1.48 -0.38 11.22
C HIS B 321 1.91 -1.79 11.56
N ASP B 322 1.61 -2.73 10.65
CA ASP B 322 1.93 -4.13 10.83
C ASP B 322 3.16 -4.56 10.01
N ASN B 323 3.85 -3.62 9.38
CA ASN B 323 5.08 -3.94 8.66
C ASN B 323 6.03 -2.75 8.81
N ARG B 324 7.12 -2.77 8.05
CA ARG B 324 8.14 -1.75 8.16
C ARG B 324 7.55 -0.37 7.89
N VAL B 325 7.91 0.60 8.75
CA VAL B 325 7.68 2.00 8.46
C VAL B 325 8.75 2.47 7.48
N SER B 326 8.36 2.67 6.22
CA SER B 326 9.31 3.00 5.18
C SER B 326 9.54 4.50 5.00
N CYS B 327 8.56 5.33 5.38
CA CYS B 327 8.66 6.76 5.15
C CYS B 327 7.70 7.49 6.07
N LEU B 328 8.01 8.76 6.32
CA LEU B 328 7.11 9.63 7.04
C LEU B 328 7.42 11.08 6.66
N GLY B 329 6.47 11.96 6.94
CA GLY B 329 6.65 13.37 6.64
C GLY B 329 5.66 14.22 7.41
N VAL B 330 6.09 15.43 7.76
CA VAL B 330 5.30 16.38 8.53
C VAL B 330 4.90 17.54 7.62
N THR B 331 3.65 17.98 7.73
CA THR B 331 3.15 19.06 6.90
C THR B 331 3.90 20.35 7.18
N ASP B 332 3.81 21.28 6.23
CA ASP B 332 4.48 22.58 6.38
C ASP B 332 3.89 23.39 7.53
N ASP B 333 2.58 23.30 7.76
CA ASP B 333 1.98 24.00 8.89
C ASP B 333 2.14 23.27 10.20
N GLY B 334 2.68 22.05 10.19
CA GLY B 334 2.91 21.31 11.41
C GLY B 334 1.69 20.65 12.01
N MET B 335 0.58 20.59 11.26
CA MET B 335 -0.67 20.14 11.84
C MET B 335 -0.69 18.62 12.02
N ALA B 336 -0.10 17.87 11.09
CA ALA B 336 -0.21 16.42 11.13
C ALA B 336 1.08 15.81 10.58
N VAL B 337 1.25 14.52 10.86
CA VAL B 337 2.35 13.74 10.34
C VAL B 337 1.78 12.50 9.64
N ALA B 338 2.29 12.20 8.46
CA ALA B 338 1.89 11.01 7.71
C ALA B 338 2.98 9.97 7.79
N THR B 339 2.58 8.71 7.95
CA THR B 339 3.49 7.58 7.96
C THR B 339 3.09 6.58 6.89
N GLY B 340 4.05 6.20 6.04
CA GLY B 340 3.85 5.17 5.05
C GLY B 340 4.57 3.90 5.49
N SER B 341 4.09 2.76 5.01
CA SER B 341 4.57 1.48 5.51
C SER B 341 4.50 0.43 4.41
N TRP B 342 5.27 -0.65 4.61
CA TRP B 342 5.25 -1.80 3.72
C TRP B 342 3.94 -2.58 3.78
N ASP B 343 3.06 -2.29 4.73
CA ASP B 343 1.75 -2.94 4.79
C ASP B 343 0.74 -2.33 3.83
N SER B 344 1.18 -1.39 2.98
CA SER B 344 0.41 -0.79 1.89
C SER B 344 -0.58 0.26 2.38
N PHE B 345 -0.43 0.76 3.60
CA PHE B 345 -1.33 1.77 4.13
C PHE B 345 -0.56 3.02 4.51
N LEU B 346 -1.23 4.16 4.41
CA LEU B 346 -0.75 5.43 4.92
C LEU B 346 -1.65 5.89 6.05
N LYS B 347 -1.06 6.45 7.11
CA LYS B 347 -1.82 6.92 8.25
C LYS B 347 -1.42 8.35 8.59
N ILE B 348 -2.41 9.14 8.98
CA ILE B 348 -2.23 10.54 9.36
C ILE B 348 -2.41 10.64 10.87
N TRP B 349 -1.45 11.29 11.54
CA TRP B 349 -1.43 11.36 12.99
C TRP B 349 -1.40 12.82 13.43
N ASN B 350 -2.11 13.10 14.52
CA ASN B 350 -1.92 14.33 15.29
C ASN B 350 -2.53 14.12 16.66
N GLY B 351 -2.21 15.02 17.58
CA GLY B 351 -2.69 14.93 18.94
C GLY B 351 -4.04 15.60 19.12
N SER B 352 -4.54 15.51 20.35
CA SER B 352 -5.79 16.16 20.73
C SER B 352 -5.63 16.84 22.07
N SER B 353 -6.35 17.94 22.25
CA SER B 353 -6.31 18.69 23.50
C SER B 353 -6.91 17.88 24.64
N THR C 6 47.93 5.80 -13.11
CA THR C 6 48.02 7.05 -12.34
C THR C 6 46.65 7.50 -11.86
N ALA C 7 45.73 6.54 -11.73
CA ALA C 7 44.40 6.86 -11.24
C ALA C 7 44.41 7.13 -9.73
N SER C 8 45.15 6.30 -8.97
CA SER C 8 45.19 6.47 -7.52
C SER C 8 45.84 7.78 -7.13
N ILE C 9 46.94 8.16 -7.79
CA ILE C 9 47.64 9.39 -7.44
C ILE C 9 46.77 10.60 -7.77
N ALA C 10 46.00 10.54 -8.85
CA ALA C 10 45.10 11.63 -9.20
C ALA C 10 43.97 11.76 -8.17
N GLN C 11 43.43 10.63 -7.71
CA GLN C 11 42.40 10.67 -6.68
C GLN C 11 42.93 11.18 -5.36
N ALA C 12 44.19 10.84 -5.03
CA ALA C 12 44.77 11.28 -3.77
C ALA C 12 44.88 12.79 -3.70
N ARG C 13 45.28 13.43 -4.81
CA ARG C 13 45.38 14.89 -4.82
C ARG C 13 44.02 15.54 -4.62
N LYS C 14 42.97 14.98 -5.24
CA LYS C 14 41.63 15.55 -5.09
C LYS C 14 41.13 15.40 -3.66
N LEU C 15 41.35 14.24 -3.05
CA LEU C 15 40.90 14.04 -1.69
C LEU C 15 41.63 14.95 -0.71
N VAL C 16 42.94 15.13 -0.90
CA VAL C 16 43.70 16.04 -0.05
C VAL C 16 43.22 17.47 -0.24
N GLU C 17 42.95 17.86 -1.49
CA GLU C 17 42.50 19.23 -1.76
C GLU C 17 41.15 19.51 -1.12
N GLN C 18 40.26 18.51 -1.11
CA GLN C 18 38.96 18.69 -0.47
C GLN C 18 39.10 18.88 1.04
N LEU C 19 39.98 18.09 1.67
CA LEU C 19 40.16 18.20 3.12
C LEU C 19 40.72 19.55 3.52
N LYS C 20 41.47 20.21 2.63
CA LYS C 20 41.96 21.55 2.92
C LYS C 20 40.81 22.55 3.04
N MET C 21 39.82 22.46 2.16
CA MET C 21 38.69 23.37 2.21
C MET C 21 37.88 23.19 3.48
N GLU C 22 37.67 21.94 3.91
CA GLU C 22 36.87 21.69 5.09
C GLU C 22 37.58 22.12 6.37
N ALA C 23 38.91 22.11 6.37
CA ALA C 23 39.67 22.47 7.56
C ALA C 23 39.82 23.97 7.75
N ASN C 24 39.45 24.78 6.75
CA ASN C 24 39.62 26.22 6.81
C ASN C 24 38.33 26.96 7.11
N ILE C 25 37.28 26.26 7.53
CA ILE C 25 36.01 26.91 7.81
C ILE C 25 36.01 27.44 9.24
N ASP C 26 35.18 28.45 9.47
CA ASP C 26 35.02 29.03 10.80
C ASP C 26 34.00 28.20 11.59
N ARG C 27 34.39 27.79 12.79
CA ARG C 27 33.54 26.98 13.66
C ARG C 27 33.19 27.77 14.91
N ILE C 28 31.90 27.82 15.23
CA ILE C 28 31.45 28.44 16.47
C ILE C 28 31.43 27.37 17.56
N LYS C 29 31.34 27.83 18.81
CA LYS C 29 31.30 26.93 19.94
C LYS C 29 30.02 26.11 19.93
N VAL C 30 30.10 24.90 20.50
CA VAL C 30 28.91 24.04 20.60
C VAL C 30 27.86 24.68 21.50
N SER C 31 28.31 25.36 22.56
CA SER C 31 27.38 26.07 23.43
C SER C 31 26.63 27.16 22.67
N LYS C 32 27.33 27.89 21.81
CA LYS C 32 26.68 28.90 20.99
C LYS C 32 25.69 28.26 20.01
N ALA C 33 26.08 27.15 19.39
CA ALA C 33 25.19 26.46 18.46
C ALA C 33 24.00 25.84 19.20
N ALA C 34 24.25 25.29 20.39
CA ALA C 34 23.16 24.70 21.17
C ALA C 34 22.13 25.75 21.57
N ALA C 35 22.60 26.94 21.95
CA ALA C 35 21.68 28.00 22.37
C ALA C 35 20.77 28.43 21.22
N ASP C 36 21.30 28.50 20.00
CA ASP C 36 20.47 28.89 18.86
C ASP C 36 19.39 27.86 18.59
N LEU C 37 19.72 26.58 18.69
CA LEU C 37 18.70 25.54 18.52
C LEU C 37 17.65 25.60 19.62
N MET C 38 18.10 25.82 20.86
CA MET C 38 17.15 25.94 21.97
C MET C 38 16.28 27.18 21.82
N ALA C 39 16.86 28.28 21.34
CA ALA C 39 16.10 29.52 21.17
C ALA C 39 15.03 29.36 20.09
N TYR C 40 15.37 28.71 18.97
CA TYR C 40 14.40 28.54 17.89
C TYR C 40 13.22 27.68 18.32
N CYS C 41 13.48 26.60 19.06
CA CYS C 41 12.40 25.76 19.55
C CYS C 41 11.49 26.54 20.52
N GLU C 42 12.09 27.34 21.40
CA GLU C 42 11.30 28.12 22.35
C GLU C 42 10.45 29.16 21.64
N ALA C 43 11.02 29.85 20.65
CA ALA C 43 10.30 30.95 20.01
C ALA C 43 9.11 30.45 19.20
N HIS C 44 9.22 29.26 18.60
CA HIS C 44 8.17 28.73 17.73
C HIS C 44 7.38 27.62 18.40
N ALA C 45 7.49 27.46 19.72
CA ALA C 45 6.82 26.36 20.40
C ALA C 45 5.31 26.47 20.29
N LYS C 46 4.76 27.68 20.41
CA LYS C 46 3.31 27.85 20.43
C LYS C 46 2.68 27.55 19.08
N GLU C 47 3.39 27.82 17.98
CA GLU C 47 2.89 27.56 16.65
C GLU C 47 3.25 26.16 16.13
N ASP C 48 3.49 25.21 17.03
CA ASP C 48 3.75 23.82 16.66
C ASP C 48 2.55 22.97 17.06
N PRO C 49 1.67 22.60 16.13
CA PRO C 49 0.51 21.78 16.51
C PRO C 49 0.86 20.42 17.06
N LEU C 50 1.94 19.78 16.59
CA LEU C 50 2.30 18.47 17.11
C LEU C 50 2.77 18.55 18.55
N LEU C 51 3.54 19.58 18.89
CA LEU C 51 3.99 19.76 20.26
C LEU C 51 2.83 20.13 21.18
N THR C 52 2.02 21.10 20.77
CA THR C 52 0.84 21.54 21.53
C THR C 52 -0.39 21.35 20.67
N PRO C 53 -1.13 20.25 20.85
CA PRO C 53 -2.29 19.99 19.99
C PRO C 53 -3.32 21.11 20.06
N VAL C 54 -3.88 21.43 18.90
CA VAL C 54 -4.83 22.54 18.77
C VAL C 54 -6.21 22.05 19.20
N PRO C 55 -7.14 22.95 19.54
CA PRO C 55 -8.51 22.51 19.83
C PRO C 55 -9.15 21.85 18.62
N ALA C 56 -10.07 20.93 18.90
CA ALA C 56 -10.69 20.12 17.84
C ALA C 56 -11.34 20.99 16.76
N SER C 57 -11.78 22.19 17.12
CA SER C 57 -12.37 23.08 16.13
C SER C 57 -11.35 23.53 15.09
N GLU C 58 -10.08 23.62 15.47
CA GLU C 58 -9.02 24.07 14.59
C GLU C 58 -8.24 22.93 13.95
N ASN C 59 -8.68 21.68 14.17
CA ASN C 59 -7.98 20.53 13.65
C ASN C 59 -8.66 20.08 12.37
N PRO C 60 -7.99 20.20 11.21
CA PRO C 60 -8.63 19.72 9.96
C PRO C 60 -8.87 18.22 9.92
N PHE C 61 -8.22 17.45 10.79
CA PHE C 61 -8.30 15.99 10.77
C PHE C 61 -9.14 15.42 11.91
N ARG C 62 -10.22 16.11 12.27
CA ARG C 62 -11.15 15.65 13.29
C ARG C 62 -11.54 14.18 13.13
N ASP D 1 -5.89 20.64 -29.84
CA ASP D 1 -6.46 21.53 -28.83
C ASP D 1 -7.81 21.00 -28.37
N VAL D 2 -8.26 21.48 -27.21
CA VAL D 2 -9.53 21.03 -26.64
C VAL D 2 -10.67 21.55 -27.50
N GLN D 3 -11.56 20.66 -27.93
CA GLN D 3 -12.65 21.03 -28.81
C GLN D 3 -13.94 20.35 -28.35
N LEU D 4 -15.06 21.06 -28.51
CA LEU D 4 -16.38 20.52 -28.22
C LEU D 4 -17.33 21.02 -29.31
N VAL D 5 -17.73 20.13 -30.20
CA VAL D 5 -18.55 20.47 -31.36
C VAL D 5 -19.93 19.85 -31.17
N GLU D 6 -20.96 20.68 -31.21
CA GLU D 6 -22.34 20.22 -31.09
C GLU D 6 -22.98 20.12 -32.47
N SER D 7 -23.90 19.17 -32.61
CA SER D 7 -24.60 18.96 -33.86
C SER D 7 -25.96 18.33 -33.57
N GLY D 8 -26.83 18.36 -34.57
CA GLY D 8 -28.17 17.80 -34.45
C GLY D 8 -29.27 18.82 -34.25
N GLY D 9 -28.93 20.08 -34.02
CA GLY D 9 -29.94 21.09 -33.84
C GLY D 9 -30.60 21.52 -35.14
N GLY D 10 -31.76 22.12 -35.02
CA GLY D 10 -32.52 22.58 -36.17
C GLY D 10 -33.98 22.77 -35.83
N LEU D 11 -34.72 23.20 -36.84
CA LEU D 11 -36.14 23.48 -36.65
C LEU D 11 -36.93 22.18 -36.54
N VAL D 12 -37.69 22.05 -35.46
CA VAL D 12 -38.49 20.86 -35.20
C VAL D 12 -39.92 21.28 -34.88
N GLN D 13 -40.85 20.35 -35.11
CA GLN D 13 -42.25 20.59 -34.81
C GLN D 13 -42.52 20.44 -33.32
N PRO D 14 -43.51 21.16 -32.79
CA PRO D 14 -43.86 20.99 -31.38
C PRO D 14 -44.31 19.56 -31.09
N GLY D 15 -43.89 19.06 -29.92
CA GLY D 15 -44.17 17.69 -29.54
C GLY D 15 -43.28 16.66 -30.17
N GLY D 16 -42.29 17.07 -30.95
CA GLY D 16 -41.39 16.16 -31.64
C GLY D 16 -40.22 15.74 -30.77
N SER D 17 -39.28 15.03 -31.41
CA SER D 17 -38.09 14.52 -30.74
C SER D 17 -36.87 14.88 -31.57
N ARG D 18 -35.77 15.15 -30.88
CA ARG D 18 -34.52 15.50 -31.54
C ARG D 18 -33.36 14.98 -30.70
N LYS D 19 -32.27 14.60 -31.37
CA LYS D 19 -31.10 14.02 -30.73
C LYS D 19 -29.91 14.94 -30.95
N LEU D 20 -29.37 15.47 -29.86
CA LEU D 20 -28.21 16.35 -29.91
C LEU D 20 -26.94 15.55 -29.58
N SER D 21 -25.88 15.81 -30.32
CA SER D 21 -24.61 15.14 -30.14
C SER D 21 -23.51 16.15 -29.81
N CYS D 22 -22.58 15.74 -28.96
CA CYS D 22 -21.42 16.56 -28.60
C CYS D 22 -20.17 15.70 -28.73
N SER D 23 -19.40 15.94 -29.79
CA SER D 23 -18.17 15.19 -30.03
C SER D 23 -16.99 15.92 -29.38
N ALA D 24 -16.20 15.18 -28.60
CA ALA D 24 -15.08 15.73 -27.87
C ALA D 24 -13.77 15.24 -28.47
N SER D 25 -12.82 16.15 -28.63
CA SER D 25 -11.49 15.81 -29.12
C SER D 25 -10.45 16.64 -28.38
N GLY D 26 -9.25 16.07 -28.23
CA GLY D 26 -8.14 16.77 -27.63
C GLY D 26 -8.05 16.69 -26.12
N PHE D 27 -8.90 15.91 -25.46
CA PHE D 27 -8.79 15.72 -24.03
C PHE D 27 -9.41 14.39 -23.65
N ALA D 28 -9.10 13.93 -22.43
CA ALA D 28 -9.61 12.66 -21.92
C ALA D 28 -11.09 12.78 -21.59
N PHE D 29 -11.95 12.44 -22.54
CA PHE D 29 -13.38 12.68 -22.37
C PHE D 29 -13.95 11.89 -21.19
N SER D 30 -13.52 10.64 -21.04
CA SER D 30 -14.09 9.79 -19.99
C SER D 30 -13.75 10.28 -18.59
N SER D 31 -12.76 11.15 -18.44
CA SER D 31 -12.38 11.68 -17.13
C SER D 31 -13.20 12.89 -16.71
N PHE D 32 -13.96 13.48 -17.62
CA PHE D 32 -14.70 14.71 -17.36
C PHE D 32 -16.19 14.43 -17.22
N GLY D 33 -16.80 15.02 -16.20
CA GLY D 33 -18.24 15.14 -16.19
C GLY D 33 -18.72 16.16 -17.22
N MET D 34 -19.94 15.97 -17.69
CA MET D 34 -20.47 16.78 -18.78
C MET D 34 -21.81 17.38 -18.38
N HIS D 35 -22.02 18.65 -18.76
CA HIS D 35 -23.27 19.35 -18.55
C HIS D 35 -23.82 19.82 -19.89
N TRP D 36 -25.14 19.89 -19.98
CA TRP D 36 -25.82 20.62 -21.03
C TRP D 36 -26.40 21.91 -20.44
N VAL D 37 -26.04 23.04 -21.05
CA VAL D 37 -26.57 24.34 -20.67
C VAL D 37 -27.16 24.98 -21.92
N ARG D 38 -28.38 25.49 -21.80
CA ARG D 38 -29.04 26.17 -22.92
C ARG D 38 -29.23 27.64 -22.62
N GLN D 39 -29.41 28.42 -23.69
CA GLN D 39 -29.60 29.86 -23.59
C GLN D 39 -30.67 30.27 -24.58
N ALA D 40 -31.84 30.69 -24.07
CA ALA D 40 -32.90 31.15 -24.94
C ALA D 40 -32.48 32.45 -25.62
N PRO D 41 -32.96 32.70 -26.84
CA PRO D 41 -32.59 33.93 -27.54
C PRO D 41 -32.93 35.16 -26.73
N GLU D 42 -31.96 36.08 -26.61
CA GLU D 42 -32.09 37.29 -25.81
C GLU D 42 -32.47 36.97 -24.37
N LYS D 43 -31.90 35.89 -23.84
CA LYS D 43 -32.12 35.47 -22.46
C LYS D 43 -30.80 34.98 -21.88
N GLY D 44 -30.83 34.62 -20.59
CA GLY D 44 -29.65 34.15 -19.90
C GLY D 44 -29.46 32.65 -20.03
N LEU D 45 -28.46 32.16 -19.31
CA LEU D 45 -28.11 30.75 -19.35
C LEU D 45 -29.03 29.94 -18.43
N GLU D 46 -29.31 28.71 -18.84
CA GLU D 46 -30.15 27.81 -18.05
C GLU D 46 -29.57 26.41 -18.11
N TRP D 47 -29.25 25.85 -16.94
CA TRP D 47 -28.68 24.52 -16.88
C TRP D 47 -29.75 23.47 -17.18
N VAL D 48 -29.39 22.47 -17.97
CA VAL D 48 -30.33 21.45 -18.44
C VAL D 48 -30.09 20.11 -17.73
N ALA D 49 -28.89 19.57 -17.82
CA ALA D 49 -28.64 18.22 -17.34
C ALA D 49 -27.16 18.09 -17.00
N TYR D 50 -26.83 17.02 -16.27
CA TYR D 50 -25.46 16.69 -15.91
C TYR D 50 -25.30 15.19 -15.89
N ILE D 51 -24.22 14.69 -16.49
CA ILE D 51 -23.82 13.29 -16.37
C ILE D 51 -22.37 13.24 -15.89
N SER D 52 -22.11 12.43 -14.89
CA SER D 52 -20.79 12.36 -14.29
C SER D 52 -19.86 11.50 -15.13
N SER D 53 -18.57 11.58 -14.82
CA SER D 53 -17.61 10.64 -15.39
C SER D 53 -17.94 9.22 -14.92
N GLY D 54 -17.99 8.29 -15.87
CA GLY D 54 -18.42 6.95 -15.58
C GLY D 54 -19.91 6.73 -15.61
N SER D 55 -20.70 7.77 -15.92
CA SER D 55 -22.14 7.67 -16.14
C SER D 55 -22.89 7.23 -14.89
N GLY D 56 -22.26 7.33 -13.72
CA GLY D 56 -22.90 6.85 -12.50
C GLY D 56 -23.92 7.79 -11.93
N THR D 57 -23.76 9.09 -12.14
CA THR D 57 -24.64 10.11 -11.58
C THR D 57 -25.22 10.94 -12.71
N ILE D 58 -26.54 11.12 -12.69
CA ILE D 58 -27.24 11.90 -13.71
C ILE D 58 -28.23 12.82 -13.01
N TYR D 59 -28.22 14.10 -13.39
CA TYR D 59 -29.13 15.09 -12.83
C TYR D 59 -29.83 15.84 -13.96
N TYR D 60 -31.07 16.26 -13.70
CA TYR D 60 -31.86 17.02 -14.66
C TYR D 60 -32.45 18.24 -13.98
N ALA D 61 -32.68 19.28 -14.77
CA ALA D 61 -33.46 20.41 -14.31
C ALA D 61 -34.95 20.05 -14.26
N ASP D 62 -35.67 20.70 -13.34
CA ASP D 62 -37.08 20.38 -13.15
C ASP D 62 -37.90 20.69 -14.40
N THR D 63 -37.54 21.75 -15.13
CA THR D 63 -38.31 22.12 -16.32
C THR D 63 -38.14 21.14 -17.47
N VAL D 64 -37.13 20.27 -17.40
CA VAL D 64 -36.86 19.30 -18.45
C VAL D 64 -36.87 17.87 -17.94
N LYS D 65 -37.00 17.66 -16.64
CA LYS D 65 -36.95 16.31 -16.07
C LYS D 65 -38.12 15.48 -16.57
N GLY D 66 -37.83 14.24 -16.98
CA GLY D 66 -38.83 13.36 -17.55
C GLY D 66 -38.94 13.41 -19.06
N ARG D 67 -38.52 14.50 -19.69
CA ARG D 67 -38.58 14.62 -21.15
C ARG D 67 -37.23 14.49 -21.83
N PHE D 68 -36.15 14.91 -21.18
CA PHE D 68 -34.82 14.84 -21.75
C PHE D 68 -34.05 13.67 -21.15
N THR D 69 -33.24 13.02 -21.97
CA THR D 69 -32.34 11.97 -21.52
C THR D 69 -30.93 12.26 -22.03
N ILE D 70 -29.98 12.30 -21.10
CA ILE D 70 -28.58 12.60 -21.40
C ILE D 70 -27.76 11.33 -21.27
N SER D 71 -26.89 11.08 -22.26
CA SER D 71 -26.07 9.87 -22.27
C SER D 71 -24.76 10.18 -22.96
N ARG D 72 -23.78 9.31 -22.75
CA ARG D 72 -22.46 9.49 -23.32
C ARG D 72 -21.95 8.16 -23.87
N ASP D 73 -21.06 8.25 -24.86
CA ASP D 73 -20.37 7.09 -25.43
C ASP D 73 -18.88 7.31 -25.28
N ASP D 74 -18.30 6.77 -24.21
CA ASP D 74 -16.89 7.00 -23.90
C ASP D 74 -15.94 6.53 -25.00
N PRO D 75 -16.09 5.33 -25.58
CA PRO D 75 -15.17 4.95 -26.66
C PRO D 75 -15.20 5.89 -27.85
N LYS D 76 -16.35 6.47 -28.18
CA LYS D 76 -16.46 7.40 -29.29
C LYS D 76 -16.28 8.85 -28.87
N ASN D 77 -16.14 9.13 -27.58
CA ASN D 77 -15.99 10.49 -27.05
C ASN D 77 -17.15 11.37 -27.51
N THR D 78 -18.37 10.85 -27.42
CA THR D 78 -19.57 11.56 -27.85
C THR D 78 -20.52 11.70 -26.68
N LEU D 79 -21.07 12.90 -26.50
CA LEU D 79 -22.10 13.17 -25.52
C LEU D 79 -23.44 13.36 -26.23
N PHE D 80 -24.49 12.74 -25.67
CA PHE D 80 -25.79 12.74 -26.30
C PHE D 80 -26.81 13.43 -25.39
N LEU D 81 -27.85 13.99 -26.03
CA LEU D 81 -29.00 14.54 -25.31
C LEU D 81 -30.24 14.17 -26.11
N GLN D 82 -30.99 13.17 -25.64
CA GLN D 82 -32.23 12.77 -26.28
C GLN D 82 -33.38 13.59 -25.70
N MET D 83 -34.07 14.32 -26.58
CA MET D 83 -35.15 15.21 -26.17
C MET D 83 -36.48 14.71 -26.73
N THR D 84 -37.53 14.81 -25.92
CA THR D 84 -38.86 14.40 -26.31
C THR D 84 -39.88 15.44 -25.87
N SER D 85 -41.01 15.48 -26.57
CA SER D 85 -42.11 16.39 -26.26
C SER D 85 -41.64 17.84 -26.24
N LEU D 86 -40.88 18.22 -27.27
CA LEU D 86 -40.28 19.54 -27.31
C LEU D 86 -41.35 20.63 -27.40
N ARG D 87 -41.20 21.66 -26.57
CA ARG D 87 -42.14 22.77 -26.49
C ARG D 87 -41.48 24.03 -27.03
N SER D 88 -42.30 25.07 -27.23
CA SER D 88 -41.77 26.35 -27.67
C SER D 88 -40.86 26.98 -26.63
N GLU D 89 -40.98 26.57 -25.36
CA GLU D 89 -40.09 27.05 -24.32
C GLU D 89 -38.69 26.46 -24.42
N ASP D 90 -38.48 25.44 -25.24
CA ASP D 90 -37.20 24.78 -25.39
C ASP D 90 -36.35 25.36 -26.51
N THR D 91 -36.85 26.37 -27.22
CA THR D 91 -36.08 27.00 -28.30
C THR D 91 -34.91 27.76 -27.70
N ALA D 92 -33.70 27.23 -27.89
CA ALA D 92 -32.51 27.84 -27.31
C ALA D 92 -31.28 27.28 -28.00
N MET D 93 -30.14 27.91 -27.71
CA MET D 93 -28.83 27.39 -28.10
C MET D 93 -28.30 26.51 -26.99
N TYR D 94 -28.00 25.25 -27.33
CA TYR D 94 -27.59 24.25 -26.34
C TYR D 94 -26.07 24.12 -26.36
N TYR D 95 -25.45 24.34 -25.21
CA TYR D 95 -24.00 24.32 -25.08
C TYR D 95 -23.54 23.04 -24.41
N CYS D 96 -22.44 22.48 -24.90
CA CYS D 96 -21.81 21.32 -24.30
C CYS D 96 -20.65 21.79 -23.42
N VAL D 97 -20.70 21.47 -22.13
CA VAL D 97 -19.74 21.97 -21.16
C VAL D 97 -19.09 20.79 -20.45
N ARG D 98 -17.76 20.78 -20.42
CA ARG D 98 -17.01 19.80 -19.66
C ARG D 98 -16.73 20.31 -18.25
N SER D 99 -16.68 19.38 -17.30
CA SER D 99 -16.40 19.76 -15.91
C SER D 99 -15.82 18.55 -15.19
N ILE D 100 -14.63 18.71 -14.62
CA ILE D 100 -13.97 17.67 -13.84
C ILE D 100 -13.94 18.13 -12.38
N TYR D 101 -14.10 17.18 -11.46
CA TYR D 101 -14.27 17.50 -10.05
C TYR D 101 -13.22 16.75 -9.23
N TYR D 102 -12.24 17.49 -8.74
CA TYR D 102 -11.34 17.03 -7.70
C TYR D 102 -10.85 18.26 -6.95
N TYR D 103 -10.11 18.03 -5.87
CA TYR D 103 -9.62 19.13 -5.06
C TYR D 103 -8.75 20.06 -5.91
N GLY D 104 -9.18 21.32 -6.02
CA GLY D 104 -8.46 22.31 -6.80
C GLY D 104 -8.78 22.32 -8.29
N SER D 105 -9.73 21.51 -8.74
CA SER D 105 -10.08 21.49 -10.15
C SER D 105 -10.87 22.74 -10.53
N SER D 106 -11.03 22.96 -11.83
CA SER D 106 -11.77 24.09 -12.37
C SER D 106 -12.92 23.58 -13.23
N PRO D 107 -14.08 23.31 -12.64
CA PRO D 107 -15.23 22.88 -13.44
C PRO D 107 -15.72 23.98 -14.37
N PHE D 108 -16.40 23.57 -15.44
CA PHE D 108 -16.99 24.49 -16.42
C PHE D 108 -15.93 25.33 -17.11
N ASP D 109 -14.73 24.77 -17.26
CA ASP D 109 -13.62 25.54 -17.83
C ASP D 109 -13.73 25.71 -19.34
N PHE D 110 -14.28 24.73 -20.04
CA PHE D 110 -14.39 24.78 -21.49
C PHE D 110 -15.83 24.57 -21.92
N TRP D 111 -16.32 25.42 -22.82
CA TRP D 111 -17.66 25.33 -23.39
C TRP D 111 -17.55 25.06 -24.88
N GLY D 112 -18.58 24.37 -25.42
CA GLY D 112 -18.66 24.18 -26.84
C GLY D 112 -19.25 25.37 -27.58
N GLN D 113 -19.20 25.30 -28.90
CA GLN D 113 -19.72 26.39 -29.73
C GLN D 113 -21.24 26.44 -29.71
N GLY D 114 -21.88 25.31 -29.47
CA GLY D 114 -23.33 25.29 -29.32
C GLY D 114 -24.04 24.93 -30.61
N THR D 115 -25.25 24.39 -30.47
CA THR D 115 -26.13 24.08 -31.59
C THR D 115 -27.50 24.69 -31.32
N THR D 116 -28.13 25.22 -32.37
CA THR D 116 -29.36 25.97 -32.23
C THR D 116 -30.55 25.07 -32.49
N LEU D 117 -31.50 25.07 -31.56
CA LEU D 117 -32.75 24.34 -31.68
C LEU D 117 -33.91 25.32 -31.73
N THR D 118 -34.75 25.19 -32.75
CA THR D 118 -35.92 26.05 -32.90
C THR D 118 -37.18 25.18 -32.95
N VAL D 119 -38.16 25.52 -32.11
CA VAL D 119 -39.43 24.81 -32.04
C VAL D 119 -40.52 25.71 -32.59
N SER D 120 -41.32 25.18 -33.50
CA SER D 120 -42.37 25.95 -34.15
C SER D 120 -43.50 26.31 -33.18
N ASP D 137 -34.48 25.73 -5.03
CA ASP D 137 -33.67 26.37 -6.06
C ASP D 137 -33.08 27.69 -5.56
N ILE D 138 -31.76 27.80 -5.57
CA ILE D 138 -31.09 29.04 -5.19
C ILE D 138 -31.32 30.08 -6.28
N VAL D 139 -31.74 31.27 -5.87
CA VAL D 139 -32.02 32.36 -6.80
C VAL D 139 -30.79 33.26 -6.87
N MET D 140 -30.23 33.39 -8.07
CA MET D 140 -29.08 34.26 -8.31
C MET D 140 -29.57 35.54 -8.98
N THR D 141 -29.26 36.68 -8.37
CA THR D 141 -29.78 37.97 -8.78
C THR D 141 -28.65 38.87 -9.26
N GLN D 142 -28.79 39.41 -10.47
CA GLN D 142 -27.92 40.44 -11.01
C GLN D 142 -28.81 41.61 -11.40
N ALA D 143 -29.07 42.50 -10.44
CA ALA D 143 -30.03 43.57 -10.67
C ALA D 143 -29.58 44.51 -11.78
N THR D 144 -28.29 44.84 -11.80
CA THR D 144 -27.76 45.74 -12.83
C THR D 144 -27.70 44.99 -14.16
N SER D 145 -28.63 45.31 -15.06
CA SER D 145 -28.67 44.62 -16.36
C SER D 145 -27.55 45.07 -17.27
N SER D 146 -27.25 46.37 -17.29
CA SER D 146 -26.23 46.91 -18.18
C SER D 146 -25.38 47.93 -17.43
N VAL D 147 -24.12 48.04 -17.85
CA VAL D 147 -23.18 48.98 -17.25
C VAL D 147 -22.40 49.69 -18.35
N PRO D 148 -22.52 51.01 -18.50
CA PRO D 148 -21.69 51.73 -19.48
C PRO D 148 -20.26 51.86 -18.95
N VAL D 149 -19.28 51.46 -19.76
CA VAL D 149 -17.89 51.42 -19.34
C VAL D 149 -17.02 52.11 -20.38
N THR D 150 -15.84 52.51 -19.94
CA THR D 150 -14.80 53.10 -20.78
C THR D 150 -13.49 52.39 -20.55
N PRO D 151 -12.65 52.26 -21.58
CA PRO D 151 -11.40 51.51 -21.43
C PRO D 151 -10.49 52.16 -20.38
N GLY D 152 -9.78 51.31 -19.64
CA GLY D 152 -8.85 51.75 -18.63
C GLY D 152 -9.45 52.10 -17.29
N GLU D 153 -10.76 51.95 -17.12
CA GLU D 153 -11.44 52.29 -15.88
C GLU D 153 -11.89 51.03 -15.16
N SER D 154 -11.88 51.08 -13.83
CA SER D 154 -12.23 49.92 -13.02
C SER D 154 -13.73 49.75 -12.95
N VAL D 155 -14.18 48.50 -13.11
CA VAL D 155 -15.60 48.16 -13.11
C VAL D 155 -15.84 47.06 -12.09
N SER D 156 -16.95 47.17 -11.37
CA SER D 156 -17.37 46.15 -10.41
C SER D 156 -18.75 45.63 -10.77
N ILE D 157 -18.92 44.32 -10.73
CA ILE D 157 -20.19 43.66 -11.02
C ILE D 157 -20.62 42.90 -9.77
N SER D 158 -21.89 43.04 -9.42
CA SER D 158 -22.41 42.47 -8.18
C SER D 158 -23.33 41.29 -8.48
N CYS D 159 -23.29 40.30 -7.61
CA CYS D 159 -24.16 39.13 -7.70
C CYS D 159 -24.70 38.82 -6.30
N ARG D 160 -25.93 38.31 -6.26
CA ARG D 160 -26.58 37.97 -5.01
C ARG D 160 -27.18 36.58 -5.10
N SER D 161 -27.27 35.92 -3.95
CA SER D 161 -27.84 34.58 -3.85
C SER D 161 -28.85 34.54 -2.72
N SER D 162 -29.92 33.77 -2.93
CA SER D 162 -30.94 33.62 -1.89
C SER D 162 -30.40 32.87 -0.67
N LYS D 163 -29.49 31.93 -0.89
CA LYS D 163 -28.85 31.17 0.19
C LYS D 163 -27.37 31.49 0.23
N SER D 164 -26.76 31.28 1.40
CA SER D 164 -25.33 31.45 1.55
C SER D 164 -24.61 30.35 0.77
N LEU D 165 -23.71 30.76 -0.13
CA LEU D 165 -22.93 29.81 -0.92
C LEU D 165 -21.66 29.35 -0.21
N LEU D 166 -21.37 29.87 0.99
CA LEU D 166 -20.22 29.42 1.76
C LEU D 166 -20.56 28.11 2.46
N HIS D 167 -19.82 27.05 2.13
CA HIS D 167 -20.02 25.75 2.74
C HIS D 167 -19.17 25.62 4.00
N SER D 168 -19.49 24.60 4.80
CA SER D 168 -18.75 24.37 6.03
C SER D 168 -17.32 23.90 5.79
N ASN D 169 -16.97 23.52 4.57
CA ASN D 169 -15.61 23.11 4.25
C ASN D 169 -14.72 24.27 3.83
N GLY D 170 -15.25 25.50 3.81
CA GLY D 170 -14.48 26.68 3.49
C GLY D 170 -14.64 27.15 2.05
N ASN D 171 -15.17 26.31 1.17
CA ASN D 171 -15.39 26.72 -0.21
C ASN D 171 -16.64 27.57 -0.34
N THR D 172 -16.60 28.55 -1.24
CA THR D 172 -17.76 29.32 -1.66
C THR D 172 -18.00 29.03 -3.14
N TYR D 173 -19.02 28.24 -3.43
CA TYR D 173 -19.22 27.68 -4.77
C TYR D 173 -19.93 28.70 -5.65
N LEU D 174 -19.18 29.74 -6.02
CA LEU D 174 -19.64 30.77 -6.94
C LEU D 174 -18.72 30.82 -8.14
N TYR D 175 -19.32 30.89 -9.33
CA TYR D 175 -18.58 30.90 -10.58
C TYR D 175 -18.92 32.16 -11.38
N TRP D 176 -17.95 32.65 -12.14
CA TRP D 176 -18.14 33.79 -13.03
C TRP D 176 -17.83 33.39 -14.46
N PHE D 177 -18.72 33.76 -15.38
CA PHE D 177 -18.55 33.46 -16.79
C PHE D 177 -18.64 34.74 -17.61
N LEU D 178 -17.95 34.74 -18.75
CA LEU D 178 -18.02 35.85 -19.70
C LEU D 178 -18.42 35.30 -21.05
N GLN D 179 -19.49 35.84 -21.62
CA GLN D 179 -19.96 35.48 -22.96
C GLN D 179 -19.81 36.70 -23.87
N ARG D 180 -18.73 36.73 -24.63
CA ARG D 180 -18.54 37.79 -25.61
C ARG D 180 -19.55 37.65 -26.74
N PRO D 181 -19.91 38.75 -27.40
CA PRO D 181 -20.92 38.67 -28.47
C PRO D 181 -20.47 37.75 -29.59
N GLY D 182 -21.30 36.76 -29.89
CA GLY D 182 -21.00 35.77 -30.90
C GLY D 182 -20.18 34.60 -30.44
N GLN D 183 -19.73 34.58 -29.20
CA GLN D 183 -18.86 33.54 -28.68
C GLN D 183 -19.56 32.79 -27.55
N SER D 184 -19.05 31.60 -27.26
CA SER D 184 -19.54 30.81 -26.14
C SER D 184 -19.01 31.39 -24.83
N PRO D 185 -19.71 31.12 -23.72
CA PRO D 185 -19.22 31.61 -22.42
C PRO D 185 -17.86 31.00 -22.08
N GLN D 186 -17.07 31.78 -21.35
CA GLN D 186 -15.77 31.33 -20.87
C GLN D 186 -15.68 31.55 -19.37
N LEU D 187 -15.03 30.61 -18.68
CA LEU D 187 -14.88 30.71 -17.23
C LEU D 187 -13.84 31.76 -16.88
N LEU D 188 -14.20 32.65 -15.95
CA LEU D 188 -13.26 33.63 -15.41
C LEU D 188 -12.84 33.31 -14.00
N ILE D 189 -13.79 33.16 -13.08
CA ILE D 189 -13.50 32.94 -11.66
C ILE D 189 -14.30 31.74 -11.20
N TYR D 190 -13.63 30.78 -10.57
CA TYR D 190 -14.28 29.60 -10.02
C TYR D 190 -14.06 29.54 -8.51
N ARG D 191 -15.13 29.19 -7.80
CA ARG D 191 -15.18 29.22 -6.33
C ARG D 191 -14.82 30.60 -5.79
N MET D 192 -15.31 31.64 -6.48
CA MET D 192 -15.45 33.00 -5.97
C MET D 192 -14.13 33.75 -5.85
N SER D 193 -13.00 33.03 -5.88
CA SER D 193 -11.71 33.70 -5.77
C SER D 193 -10.66 33.22 -6.76
N ASN D 194 -10.71 31.97 -7.22
CA ASN D 194 -9.65 31.42 -8.05
C ASN D 194 -9.78 31.91 -9.49
N LEU D 195 -8.64 32.18 -10.11
CA LEU D 195 -8.58 32.70 -11.47
C LEU D 195 -8.38 31.53 -12.44
N ALA D 196 -9.24 31.46 -13.45
CA ALA D 196 -9.19 30.35 -14.39
C ALA D 196 -7.96 30.45 -15.28
N SER D 197 -7.51 29.29 -15.77
CA SER D 197 -6.34 29.22 -16.63
C SER D 197 -6.60 29.96 -17.94
N GLY D 198 -5.63 30.78 -18.35
CA GLY D 198 -5.77 31.56 -19.55
C GLY D 198 -6.50 32.87 -19.40
N VAL D 199 -6.84 33.27 -18.18
CA VAL D 199 -7.58 34.49 -17.91
C VAL D 199 -6.60 35.54 -17.39
N PRO D 200 -6.62 36.77 -17.90
CA PRO D 200 -5.68 37.79 -17.41
C PRO D 200 -5.89 38.08 -15.94
N ASP D 201 -4.80 38.44 -15.27
CA ASP D 201 -4.83 38.68 -13.83
C ASP D 201 -5.62 39.92 -13.44
N ARG D 202 -6.00 40.77 -14.41
CA ARG D 202 -6.76 41.97 -14.08
C ARG D 202 -8.13 41.62 -13.52
N PHE D 203 -8.71 40.50 -13.93
CA PHE D 203 -9.95 40.02 -13.34
C PHE D 203 -9.70 39.52 -11.93
N SER D 204 -10.58 39.92 -10.99
CA SER D 204 -10.49 39.47 -9.62
C SER D 204 -11.88 39.26 -9.06
N GLY D 205 -12.08 38.15 -8.36
CA GLY D 205 -13.36 37.82 -7.76
C GLY D 205 -13.29 37.94 -6.24
N SER D 206 -14.22 38.72 -5.69
CA SER D 206 -14.32 38.93 -4.26
C SER D 206 -15.76 38.73 -3.82
N GLY D 207 -15.94 38.11 -2.66
CA GLY D 207 -17.28 37.89 -2.15
C GLY D 207 -17.26 37.47 -0.70
N SER D 208 -18.45 37.44 -0.11
CA SER D 208 -18.62 36.91 1.25
C SER D 208 -20.08 36.54 1.42
N GLY D 209 -20.33 35.33 1.93
CA GLY D 209 -21.69 34.91 2.23
C GLY D 209 -22.60 34.91 1.02
N THR D 210 -23.49 35.90 0.94
CA THR D 210 -24.46 36.00 -0.14
C THR D 210 -24.17 37.12 -1.13
N ALA D 211 -23.18 37.97 -0.85
CA ALA D 211 -22.86 39.12 -1.68
C ALA D 211 -21.48 38.91 -2.32
N PHE D 212 -21.42 39.07 -3.64
CA PHE D 212 -20.19 38.82 -4.39
C PHE D 212 -19.95 39.96 -5.37
N THR D 213 -18.66 40.24 -5.61
CA THR D 213 -18.27 41.32 -6.51
C THR D 213 -17.19 40.82 -7.46
N LEU D 214 -17.35 41.13 -8.74
CA LEU D 214 -16.33 40.86 -9.75
C LEU D 214 -15.70 42.18 -10.17
N THR D 215 -14.41 42.35 -9.87
CA THR D 215 -13.70 43.59 -10.18
C THR D 215 -12.84 43.39 -11.42
N ILE D 216 -12.98 44.30 -12.38
CA ILE D 216 -12.24 44.25 -13.64
C ILE D 216 -11.40 45.51 -13.71
N SER D 217 -10.12 45.40 -13.36
CA SER D 217 -9.22 46.53 -13.42
C SER D 217 -8.69 46.71 -14.84
N ARG D 218 -8.61 47.97 -15.28
CA ARG D 218 -8.10 48.33 -16.60
C ARG D 218 -8.87 47.60 -17.70
N LEU D 219 -10.16 47.91 -17.80
CA LEU D 219 -11.03 47.26 -18.76
C LEU D 219 -10.52 47.48 -20.19
N GLU D 220 -10.66 46.46 -21.02
CA GLU D 220 -10.23 46.47 -22.41
C GLU D 220 -11.40 46.14 -23.32
N ALA D 221 -11.14 46.21 -24.63
CA ALA D 221 -12.19 45.94 -25.61
C ALA D 221 -12.68 44.50 -25.54
N GLU D 222 -11.75 43.56 -25.29
CA GLU D 222 -12.13 42.16 -25.24
C GLU D 222 -13.07 41.85 -24.08
N ASP D 223 -12.97 42.60 -22.98
CA ASP D 223 -13.79 42.36 -21.81
C ASP D 223 -15.27 42.68 -22.05
N VAL D 224 -15.59 43.39 -23.13
CA VAL D 224 -16.99 43.70 -23.44
C VAL D 224 -17.77 42.41 -23.65
N GLY D 225 -18.89 42.29 -22.96
CA GLY D 225 -19.73 41.12 -23.08
C GLY D 225 -20.70 41.03 -21.91
N VAL D 226 -21.36 39.89 -21.83
CA VAL D 226 -22.30 39.59 -20.76
C VAL D 226 -21.61 38.74 -19.72
N TYR D 227 -21.81 39.07 -18.44
CA TYR D 227 -21.21 38.35 -17.33
C TYR D 227 -22.29 37.64 -16.53
N TYR D 228 -22.11 36.34 -16.31
CA TYR D 228 -23.04 35.52 -15.56
C TYR D 228 -22.37 34.98 -14.31
N CYS D 229 -23.08 35.03 -13.18
CA CYS D 229 -22.65 34.36 -11.96
C CYS D 229 -23.49 33.12 -11.73
N MET D 230 -22.82 31.99 -11.49
CA MET D 230 -23.47 30.70 -11.29
C MET D 230 -23.08 30.15 -9.93
N GLN D 231 -24.03 29.49 -9.28
CA GLN D 231 -23.78 28.80 -8.02
C GLN D 231 -23.63 27.30 -8.27
N HIS D 232 -22.67 26.69 -7.58
CA HIS D 232 -22.48 25.25 -7.64
C HIS D 232 -22.57 24.61 -6.26
N LEU D 233 -23.28 25.25 -5.33
CA LEU D 233 -23.45 24.69 -4.00
C LEU D 233 -24.28 23.41 -4.05
N GLU D 234 -25.32 23.40 -4.87
CA GLU D 234 -26.21 22.25 -4.97
C GLU D 234 -26.93 22.30 -6.31
N TYR D 235 -27.51 21.17 -6.69
CA TYR D 235 -28.31 21.05 -7.90
C TYR D 235 -29.77 21.37 -7.62
N PRO D 236 -30.47 22.02 -8.55
CA PRO D 236 -30.03 22.40 -9.91
C PRO D 236 -29.16 23.65 -9.93
N LEU D 237 -28.14 23.64 -10.79
CA LEU D 237 -27.28 24.81 -10.95
C LEU D 237 -28.06 25.94 -11.60
N THR D 238 -28.01 27.13 -11.00
CA THR D 238 -28.76 28.27 -11.47
C THR D 238 -27.82 29.42 -11.82
N PHE D 239 -28.18 30.17 -12.85
CA PHE D 239 -27.40 31.31 -13.33
C PHE D 239 -28.09 32.60 -12.94
N GLY D 240 -27.29 33.67 -12.83
CA GLY D 240 -27.86 34.99 -12.70
C GLY D 240 -28.40 35.52 -14.01
N ALA D 241 -29.13 36.64 -13.91
CA ALA D 241 -29.71 37.25 -15.10
C ALA D 241 -28.63 37.66 -16.09
N GLY D 242 -27.52 38.19 -15.60
CA GLY D 242 -26.42 38.61 -16.45
C GLY D 242 -26.30 40.12 -16.49
N THR D 243 -25.06 40.60 -16.48
CA THR D 243 -24.75 42.02 -16.58
C THR D 243 -24.00 42.27 -17.88
N LYS D 244 -24.54 43.15 -18.71
CA LYS D 244 -23.95 43.45 -20.00
C LYS D 244 -23.03 44.66 -19.91
N LEU D 245 -21.85 44.56 -20.51
CA LEU D 245 -20.93 45.67 -20.61
C LEU D 245 -20.95 46.25 -22.02
N GLU D 246 -21.14 47.56 -22.12
CA GLU D 246 -21.20 48.24 -23.39
C GLU D 246 -20.31 49.48 -23.35
N LEU D 247 -19.74 49.84 -24.49
CA LEU D 247 -18.87 51.01 -24.59
C LEU D 247 -19.68 52.28 -24.83
N THR E 100 -28.61 -33.25 44.98
CA THR E 100 -28.45 -31.80 44.99
C THR E 100 -27.02 -31.39 44.69
N ALA E 101 -26.05 -32.09 45.31
CA ALA E 101 -24.64 -31.80 45.03
C ALA E 101 -24.29 -32.13 43.59
N CYS E 102 -24.81 -33.24 43.07
CA CYS E 102 -24.56 -33.60 41.67
C CYS E 102 -25.18 -32.56 40.73
N LYS E 103 -26.39 -32.09 41.05
CA LYS E 103 -27.04 -31.08 40.21
C LYS E 103 -26.22 -29.80 40.16
N ILE E 104 -25.68 -29.37 41.30
CA ILE E 104 -24.80 -28.21 41.32
C ILE E 104 -23.51 -28.51 40.57
N THR E 105 -22.95 -29.70 40.77
CA THR E 105 -21.72 -30.07 40.07
C THR E 105 -21.93 -30.10 38.56
N ILE E 106 -23.04 -30.68 38.10
CA ILE E 106 -23.34 -30.68 36.67
C ILE E 106 -23.57 -29.27 36.17
N THR E 107 -24.22 -28.43 36.98
CA THR E 107 -24.46 -27.05 36.58
C THR E 107 -23.16 -26.30 36.36
N VAL E 108 -22.17 -26.52 37.23
CA VAL E 108 -20.87 -25.89 37.06
C VAL E 108 -20.19 -26.39 35.80
N VAL E 109 -20.26 -27.69 35.54
CA VAL E 109 -19.65 -28.26 34.35
C VAL E 109 -20.30 -27.68 33.09
N LEU E 110 -21.63 -27.61 33.08
CA LEU E 110 -22.32 -26.99 31.95
C LEU E 110 -21.99 -25.51 31.84
N ALA E 111 -21.90 -24.82 32.98
CA ALA E 111 -21.58 -23.38 32.95
C ALA E 111 -20.19 -23.14 32.38
N VAL E 112 -19.21 -23.96 32.77
CA VAL E 112 -17.86 -23.81 32.23
C VAL E 112 -17.84 -24.09 30.74
N LEU E 113 -18.51 -25.15 30.31
CA LEU E 113 -18.51 -25.51 28.89
C LEU E 113 -19.17 -24.42 28.04
N ILE E 114 -20.28 -23.86 28.52
CA ILE E 114 -20.91 -22.76 27.79
C ILE E 114 -20.01 -21.53 27.79
N LEU E 115 -19.38 -21.23 28.92
CA LEU E 115 -18.50 -20.06 29.00
C LEU E 115 -17.31 -20.21 28.06
N ILE E 116 -16.69 -21.40 28.02
CA ILE E 116 -15.53 -21.61 27.17
C ILE E 116 -15.91 -21.49 25.70
N THR E 117 -17.04 -22.07 25.32
CA THR E 117 -17.47 -22.01 23.92
C THR E 117 -17.75 -20.58 23.49
N VAL E 118 -18.43 -19.81 24.33
CA VAL E 118 -18.71 -18.41 23.98
C VAL E 118 -17.43 -17.59 23.99
N ALA E 119 -16.63 -17.72 25.05
CA ALA E 119 -15.41 -16.94 25.17
C ALA E 119 -14.39 -17.35 24.11
N GLY E 120 -14.28 -18.64 23.82
CA GLY E 120 -13.31 -19.10 22.84
C GLY E 120 -13.57 -18.56 21.45
N ASN E 121 -14.84 -18.56 21.02
CA ASN E 121 -15.17 -18.08 19.69
C ASN E 121 -15.17 -16.56 19.59
N VAL E 122 -15.32 -15.86 20.72
CA VAL E 122 -15.18 -14.40 20.71
C VAL E 122 -13.77 -14.00 20.33
N VAL E 123 -12.76 -14.70 20.89
CA VAL E 123 -11.37 -14.39 20.60
C VAL E 123 -11.08 -14.56 19.11
N VAL E 124 -11.56 -15.65 18.52
CA VAL E 124 -11.36 -15.87 17.08
C VAL E 124 -12.04 -14.77 16.27
N CYS E 125 -13.26 -14.38 16.67
CA CYS E 125 -13.94 -13.28 16.00
C CYS E 125 -13.18 -11.97 16.18
N LEU E 126 -12.66 -11.72 17.38
CA LEU E 126 -11.94 -10.48 17.63
C LEU E 126 -10.56 -10.49 16.95
N ALA E 127 -9.89 -11.64 16.94
CA ALA E 127 -8.57 -11.70 16.33
C ALA E 127 -8.61 -11.34 14.85
N VAL E 128 -9.58 -11.87 14.12
CA VAL E 128 -9.75 -11.49 12.72
C VAL E 128 -10.25 -10.06 12.61
N GLY E 129 -11.14 -9.65 13.52
CA GLY E 129 -11.66 -8.29 13.47
C GLY E 129 -10.60 -7.24 13.76
N LEU E 130 -9.78 -7.47 14.79
CA LEU E 130 -8.78 -6.47 15.16
C LEU E 130 -7.62 -6.46 14.18
N ASN E 131 -7.13 -7.63 13.79
CA ASN E 131 -5.94 -7.72 12.95
C ASN E 131 -6.32 -7.55 11.48
N ARG E 132 -5.68 -6.59 10.81
CA ARG E 132 -5.97 -6.35 9.40
C ARG E 132 -5.37 -7.45 8.53
N ARG E 133 -4.19 -7.96 8.90
CA ARG E 133 -3.54 -8.98 8.10
C ARG E 133 -4.27 -10.32 8.17
N LEU E 134 -5.08 -10.55 9.19
CA LEU E 134 -5.81 -11.81 9.33
C LEU E 134 -7.08 -11.82 8.50
N ARG E 135 -7.48 -10.71 7.91
CA ARG E 135 -8.71 -10.62 7.11
C ARG E 135 -8.44 -11.10 5.68
N ASN E 136 -8.09 -12.37 5.57
CA ASN E 136 -7.73 -12.98 4.30
C ASN E 136 -8.67 -14.14 3.99
N LEU E 137 -8.67 -14.55 2.72
CA LEU E 137 -9.52 -15.64 2.27
C LEU E 137 -9.19 -16.96 2.94
N THR E 138 -7.96 -17.12 3.43
CA THR E 138 -7.58 -18.35 4.12
C THR E 138 -8.32 -18.52 5.45
N ASN E 139 -8.70 -17.40 6.08
CA ASN E 139 -9.41 -17.44 7.36
C ASN E 139 -10.92 -17.23 7.21
N CYS E 140 -11.43 -17.23 5.98
CA CYS E 140 -12.87 -17.03 5.79
C CYS E 140 -13.68 -18.14 6.43
N PHE E 141 -13.25 -19.39 6.26
CA PHE E 141 -13.99 -20.51 6.84
C PHE E 141 -13.87 -20.56 8.35
N ILE E 142 -12.71 -20.16 8.89
CA ILE E 142 -12.52 -20.18 10.33
C ILE E 142 -13.43 -19.16 11.00
N VAL E 143 -13.60 -17.99 10.38
CA VAL E 143 -14.54 -17.00 10.91
C VAL E 143 -15.97 -17.55 10.86
N SER E 144 -16.34 -18.16 9.74
CA SER E 144 -17.67 -18.75 9.62
C SER E 144 -17.87 -19.84 10.66
N LEU E 145 -16.85 -20.66 10.89
CA LEU E 145 -16.91 -21.67 11.94
C LEU E 145 -17.03 -21.02 13.32
N ALA E 146 -16.26 -19.96 13.56
CA ALA E 146 -16.31 -19.29 14.85
C ALA E 146 -17.65 -18.60 15.07
N ILE E 147 -18.20 -17.97 14.03
CA ILE E 147 -19.50 -17.32 14.14
C ILE E 147 -20.59 -18.35 14.43
N THR E 148 -20.56 -19.47 13.69
CA THR E 148 -21.58 -20.50 13.87
C THR E 148 -21.52 -21.09 15.28
N ASP E 149 -20.32 -21.34 15.79
CA ASP E 149 -20.19 -21.91 17.12
C ASP E 149 -20.56 -20.90 18.21
N LEU E 150 -20.36 -19.61 17.95
CA LEU E 150 -20.78 -18.59 18.91
C LEU E 150 -22.30 -18.55 19.05
N LEU E 151 -23.01 -18.64 17.93
CA LEU E 151 -24.47 -18.72 17.99
C LEU E 151 -24.92 -19.98 18.73
N LEU E 152 -24.25 -21.10 18.49
CA LEU E 152 -24.57 -22.33 19.20
C LEU E 152 -24.39 -22.18 20.71
N GLY E 153 -23.36 -21.43 21.12
CA GLY E 153 -23.12 -21.18 22.53
C GLY E 153 -24.04 -20.16 23.17
N LEU E 154 -24.83 -19.45 22.38
CA LEU E 154 -25.74 -18.43 22.89
C LEU E 154 -27.21 -18.77 22.70
N LEU E 155 -27.57 -19.39 21.58
CA LEU E 155 -28.97 -19.63 21.27
C LEU E 155 -29.43 -21.05 21.57
N VAL E 156 -28.50 -22.01 21.62
CA VAL E 156 -28.83 -23.41 21.87
C VAL E 156 -28.30 -23.90 23.21
N LEU E 157 -27.02 -23.62 23.50
CA LEU E 157 -26.43 -24.10 24.75
C LEU E 157 -27.11 -23.58 25.99
N PRO E 158 -27.39 -22.28 26.15
CA PRO E 158 -28.06 -21.83 27.39
C PRO E 158 -29.41 -22.50 27.62
N PHE E 159 -30.18 -22.73 26.56
CA PHE E 159 -31.47 -23.38 26.71
C PHE E 159 -31.35 -24.88 26.92
N SER E 160 -30.34 -25.51 26.32
CA SER E 160 -30.13 -26.94 26.55
C SER E 160 -29.74 -27.21 27.99
N ALA E 161 -28.92 -26.34 28.58
CA ALA E 161 -28.52 -26.54 29.98
C ALA E 161 -29.72 -26.47 30.91
N ILE E 162 -30.64 -25.53 30.67
CA ILE E 162 -31.84 -25.43 31.49
C ILE E 162 -32.69 -26.69 31.36
N TYR E 163 -32.86 -27.17 30.13
CA TYR E 163 -33.69 -28.35 29.90
C TYR E 163 -33.11 -29.58 30.58
N GLN E 164 -31.79 -29.74 30.52
CA GLN E 164 -31.16 -30.93 31.12
C GLN E 164 -31.22 -30.87 32.65
N LEU E 165 -30.97 -29.70 33.23
CA LEU E 165 -30.94 -29.58 34.68
C LEU E 165 -32.34 -29.71 35.28
N SER E 166 -33.31 -28.99 34.72
CA SER E 166 -34.66 -29.00 35.26
C SER E 166 -35.49 -30.19 34.77
N CYS E 167 -35.04 -30.89 33.73
CA CYS E 167 -35.71 -32.05 33.18
C CYS E 167 -37.15 -31.75 32.75
N LYS E 168 -37.45 -30.49 32.46
CA LYS E 168 -38.78 -30.09 32.02
C LYS E 168 -38.67 -28.86 31.14
N TRP E 169 -39.48 -28.82 30.08
CA TRP E 169 -39.44 -27.73 29.11
C TRP E 169 -40.53 -26.74 29.48
N SER E 170 -40.17 -25.75 30.31
CA SER E 170 -41.12 -24.73 30.73
C SER E 170 -41.57 -23.86 29.55
N PHE E 171 -40.74 -23.75 28.51
CA PHE E 171 -41.07 -22.92 27.36
C PHE E 171 -42.21 -23.54 26.56
N GLY E 172 -42.78 -22.73 25.67
CA GLY E 172 -43.92 -23.17 24.88
C GLY E 172 -43.55 -24.27 23.91
N LYS E 173 -44.57 -25.06 23.53
CA LYS E 173 -44.36 -26.16 22.62
C LYS E 173 -43.92 -25.67 21.23
N VAL E 174 -44.48 -24.53 20.79
CA VAL E 174 -44.09 -23.97 19.51
C VAL E 174 -42.62 -23.52 19.54
N PHE E 175 -42.20 -22.91 20.65
CA PHE E 175 -40.81 -22.48 20.77
C PHE E 175 -39.85 -23.66 20.77
N CYS E 176 -40.30 -24.83 21.27
CA CYS E 176 -39.45 -26.01 21.26
C CYS E 176 -39.08 -26.41 19.83
N ASN E 177 -40.01 -26.30 18.89
CA ASN E 177 -39.71 -26.64 17.50
C ASN E 177 -38.64 -25.72 16.93
N ILE E 178 -38.72 -24.42 17.24
CA ILE E 178 -37.69 -23.49 16.78
C ILE E 178 -36.36 -23.79 17.47
N TYR E 179 -36.40 -24.12 18.77
CA TYR E 179 -35.18 -24.44 19.50
C TYR E 179 -34.49 -25.66 18.89
N THR E 180 -35.25 -26.70 18.58
CA THR E 180 -34.67 -27.88 17.94
C THR E 180 -34.14 -27.55 16.54
N SER E 181 -34.87 -26.74 15.79
CA SER E 181 -34.42 -26.36 14.45
C SER E 181 -33.12 -25.58 14.50
N LEU E 182 -32.99 -24.66 15.46
CA LEU E 182 -31.73 -23.94 15.62
C LEU E 182 -30.60 -24.88 15.98
N ASP E 183 -30.86 -25.86 16.85
CA ASP E 183 -29.83 -26.83 17.21
C ASP E 183 -29.38 -27.65 16.00
N VAL E 184 -30.32 -28.06 15.15
CA VAL E 184 -29.96 -28.85 13.98
C VAL E 184 -29.23 -27.98 12.96
N MET E 185 -29.69 -26.73 12.77
CA MET E 185 -29.09 -25.88 11.75
C MET E 185 -27.65 -25.52 12.10
N LEU E 186 -27.41 -25.10 13.34
CA LEU E 186 -26.07 -24.64 13.71
C LEU E 186 -25.08 -25.79 13.76
N CYS E 187 -25.51 -26.95 14.27
CA CYS E 187 -24.60 -28.09 14.38
C CYS E 187 -24.28 -28.67 13.00
N THR E 188 -25.27 -28.74 12.11
CA THR E 188 -25.02 -29.24 10.76
C THR E 188 -24.09 -28.30 10.00
N ALA E 189 -24.27 -26.99 10.14
CA ALA E 189 -23.36 -26.04 9.51
C ALA E 189 -21.97 -26.13 10.11
N SER E 190 -21.87 -26.30 11.43
CA SER E 190 -20.57 -26.42 12.07
C SER E 190 -19.83 -27.66 11.58
N ILE E 191 -20.53 -28.78 11.42
CA ILE E 191 -19.90 -29.99 10.90
C ILE E 191 -19.46 -29.77 9.45
N LEU E 192 -20.32 -29.15 8.64
CA LEU E 192 -19.96 -28.92 7.24
C LEU E 192 -18.91 -27.82 7.09
N ASN E 193 -18.78 -26.93 8.08
CA ASN E 193 -17.67 -25.99 8.06
C ASN E 193 -16.33 -26.71 8.16
N LEU E 194 -16.24 -27.71 9.05
CA LEU E 194 -15.02 -28.48 9.18
C LEU E 194 -14.72 -29.27 7.90
N PHE E 195 -15.76 -29.74 7.22
CA PHE E 195 -15.56 -30.45 5.97
C PHE E 195 -14.95 -29.55 4.91
N MET E 196 -15.41 -28.30 4.83
CA MET E 196 -14.89 -27.38 3.82
C MET E 196 -13.47 -26.93 4.14
N ILE E 197 -13.11 -26.86 5.43
CA ILE E 197 -11.74 -26.53 5.80
C ILE E 197 -10.78 -27.60 5.34
N SER E 198 -11.17 -28.87 5.48
CA SER E 198 -10.32 -29.96 5.01
C SER E 198 -10.13 -29.90 3.50
N LEU E 199 -11.20 -29.60 2.76
CA LEU E 199 -11.07 -29.43 1.31
C LEU E 199 -10.21 -28.21 0.98
N ASP E 200 -10.35 -27.13 1.76
CA ASP E 200 -9.50 -25.96 1.57
C ASP E 200 -8.03 -26.31 1.77
N ARG E 201 -7.72 -27.07 2.82
CA ARG E 201 -6.34 -27.46 3.07
C ARG E 201 -5.86 -28.49 2.08
N TYR E 202 -6.77 -29.29 1.52
CA TYR E 202 -6.37 -30.30 0.54
C TYR E 202 -5.83 -29.67 -0.73
N CYS E 203 -6.47 -28.60 -1.20
CA CYS E 203 -5.96 -27.90 -2.38
C CYS E 203 -4.68 -27.14 -2.07
N ALA E 204 -4.53 -26.66 -0.83
CA ALA E 204 -3.32 -25.93 -0.46
C ALA E 204 -2.10 -26.83 -0.47
N VAL E 205 -2.25 -28.09 -0.09
CA VAL E 205 -1.11 -28.99 0.03
C VAL E 205 -0.87 -29.77 -1.26
N MET E 206 -1.93 -30.33 -1.85
CA MET E 206 -1.74 -31.20 -3.01
C MET E 206 -1.31 -30.41 -4.24
N ASP E 207 -1.91 -29.24 -4.44
CA ASP E 207 -1.64 -28.41 -5.62
C ASP E 207 -1.35 -26.98 -5.16
N PRO E 208 -0.19 -26.74 -4.56
CA PRO E 208 0.07 -25.43 -3.96
C PRO E 208 0.26 -24.31 -4.99
N LEU E 209 0.67 -24.64 -6.21
CA LEU E 209 0.87 -23.61 -7.23
C LEU E 209 -0.45 -23.06 -7.73
N ARG E 210 -1.47 -23.92 -7.86
CA ARG E 210 -2.76 -23.54 -8.41
C ARG E 210 -3.80 -23.30 -7.33
N TYR E 211 -3.37 -23.19 -6.07
CA TYR E 211 -4.31 -22.90 -4.99
C TYR E 211 -5.07 -21.59 -5.17
N PRO E 212 -4.44 -20.47 -5.57
CA PRO E 212 -5.21 -19.22 -5.70
C PRO E 212 -6.30 -19.27 -6.77
N VAL E 213 -6.22 -20.17 -7.73
CA VAL E 213 -7.23 -20.22 -8.80
C VAL E 213 -8.26 -21.31 -8.60
N LEU E 214 -8.01 -22.27 -7.72
CA LEU E 214 -9.00 -23.29 -7.41
C LEU E 214 -9.84 -22.95 -6.19
N VAL E 215 -9.39 -21.99 -5.37
CA VAL E 215 -10.08 -21.60 -4.15
C VAL E 215 -10.39 -20.11 -4.25
N THR E 216 -10.69 -19.63 -5.45
CA THR E 216 -11.04 -18.24 -5.66
C THR E 216 -12.22 -17.85 -4.77
N PRO E 217 -12.26 -16.60 -4.30
CA PRO E 217 -13.29 -16.22 -3.31
C PRO E 217 -14.71 -16.35 -3.82
N VAL E 218 -14.92 -16.44 -5.14
CA VAL E 218 -16.25 -16.74 -5.65
C VAL E 218 -16.71 -18.11 -5.19
N ARG E 219 -15.81 -19.10 -5.23
CA ARG E 219 -16.17 -20.45 -4.81
C ARG E 219 -16.38 -20.53 -3.31
N VAL E 220 -15.68 -19.70 -2.53
CA VAL E 220 -15.90 -19.67 -1.09
C VAL E 220 -17.30 -19.17 -0.78
N ALA E 221 -17.75 -18.13 -1.48
CA ALA E 221 -19.09 -17.60 -1.24
C ALA E 221 -20.17 -18.63 -1.59
N ILE E 222 -19.98 -19.35 -2.70
CA ILE E 222 -20.97 -20.35 -3.11
C ILE E 222 -21.02 -21.48 -2.08
N SER E 223 -19.86 -21.93 -1.61
CA SER E 223 -19.83 -23.03 -0.64
C SER E 223 -20.47 -22.64 0.68
N LEU E 224 -20.24 -21.40 1.13
CA LEU E 224 -20.87 -20.93 2.35
C LEU E 224 -22.40 -20.90 2.22
N VAL E 225 -22.90 -20.49 1.06
CA VAL E 225 -24.34 -20.47 0.83
C VAL E 225 -24.90 -21.89 0.85
N LEU E 226 -24.22 -22.82 0.17
CA LEU E 226 -24.70 -24.19 0.13
C LEU E 226 -24.67 -24.85 1.50
N ILE E 227 -23.76 -24.44 2.38
CA ILE E 227 -23.72 -24.99 3.73
C ILE E 227 -25.00 -24.62 4.48
N TRP E 228 -25.41 -23.35 4.40
CA TRP E 228 -26.59 -22.91 5.12
C TRP E 228 -27.88 -23.39 4.46
N VAL E 229 -27.88 -23.53 3.14
CA VAL E 229 -29.06 -24.07 2.45
C VAL E 229 -29.33 -25.49 2.89
N ILE E 230 -28.28 -26.32 2.94
CA ILE E 230 -28.44 -27.69 3.44
C ILE E 230 -28.76 -27.67 4.93
N SER E 231 -28.13 -26.76 5.68
CA SER E 231 -28.40 -26.67 7.12
C SER E 231 -29.84 -26.25 7.39
N ILE E 232 -30.34 -25.26 6.63
CA ILE E 232 -31.72 -24.81 6.84
C ILE E 232 -32.71 -25.89 6.43
N THR E 233 -32.47 -26.55 5.30
CA THR E 233 -33.44 -27.52 4.77
C THR E 233 -33.65 -28.66 5.75
N LEU E 234 -32.58 -29.20 6.33
CA LEU E 234 -32.69 -30.32 7.25
C LEU E 234 -33.12 -29.91 8.64
N SER E 235 -33.11 -28.61 8.96
CA SER E 235 -33.43 -28.14 10.30
C SER E 235 -34.85 -27.57 10.40
N PHE E 236 -35.15 -26.54 9.60
CA PHE E 236 -36.44 -25.87 9.68
C PHE E 236 -37.50 -26.56 8.83
N LEU E 237 -37.19 -26.81 7.56
CA LEU E 237 -38.19 -27.42 6.67
C LEU E 237 -38.54 -28.83 7.14
N SER E 238 -37.55 -29.60 7.56
CA SER E 238 -37.81 -30.98 7.95
C SER E 238 -38.68 -31.04 9.21
N ILE E 239 -38.38 -30.22 10.21
CA ILE E 239 -39.13 -30.26 11.46
C ILE E 239 -40.54 -29.71 11.27
N HIS E 240 -40.65 -28.57 10.57
CA HIS E 240 -41.95 -27.91 10.47
C HIS E 240 -42.91 -28.68 9.57
N LEU E 241 -42.40 -29.43 8.60
CA LEU E 241 -43.23 -30.21 7.70
C LEU E 241 -43.39 -31.66 8.12
N GLY E 242 -42.91 -32.01 9.32
CA GLY E 242 -43.08 -33.36 9.82
C GLY E 242 -42.20 -34.39 9.15
N TRP E 243 -41.11 -33.98 8.51
CA TRP E 243 -40.24 -34.93 7.84
C TRP E 243 -39.51 -35.81 8.86
N ASN E 244 -39.13 -35.25 10.00
CA ASN E 244 -38.44 -36.00 11.04
C ASN E 244 -39.40 -36.58 12.08
N SER E 245 -40.69 -36.34 11.94
CA SER E 245 -41.66 -36.87 12.90
C SER E 245 -41.75 -38.38 12.81
N ARG E 246 -41.95 -39.02 13.96
CA ARG E 246 -42.02 -40.47 14.04
C ARG E 246 -43.22 -41.01 13.24
N THR E 256 -45.26 -33.68 27.49
CA THR E 256 -45.02 -32.36 26.90
C THR E 256 -43.74 -31.74 27.46
N SER E 257 -43.15 -32.41 28.46
CA SER E 257 -41.92 -31.94 29.07
C SER E 257 -40.68 -32.26 28.23
N LYS E 258 -40.81 -33.13 27.23
CA LYS E 258 -39.68 -33.53 26.41
C LYS E 258 -39.59 -32.66 25.15
N CYS E 259 -38.40 -32.18 24.86
CA CYS E 259 -38.10 -31.40 23.66
C CYS E 259 -36.86 -31.95 22.96
N LYS E 260 -36.86 -33.27 22.77
CA LYS E 260 -35.78 -33.94 22.06
C LYS E 260 -36.09 -34.02 20.57
N VAL E 261 -35.03 -34.02 19.75
CA VAL E 261 -35.20 -34.02 18.31
C VAL E 261 -35.78 -35.36 17.88
N GLN E 262 -36.88 -35.33 17.14
CA GLN E 262 -37.51 -36.54 16.67
C GLN E 262 -36.85 -37.01 15.37
N VAL E 263 -36.89 -38.33 15.16
CA VAL E 263 -36.20 -38.93 14.03
C VAL E 263 -36.87 -40.26 13.71
N ASN E 264 -36.97 -40.56 12.42
CA ASN E 264 -37.52 -41.82 11.92
C ASN E 264 -36.42 -42.60 11.22
N GLU E 265 -36.81 -43.75 10.64
CA GLU E 265 -35.85 -44.60 9.95
C GLU E 265 -35.29 -43.91 8.72
N VAL E 266 -36.16 -43.28 7.91
CA VAL E 266 -35.71 -42.64 6.68
C VAL E 266 -34.88 -41.40 7.00
N TYR E 267 -35.34 -40.58 7.94
CA TYR E 267 -34.63 -39.35 8.26
C TYR E 267 -33.29 -39.62 8.94
N GLY E 268 -33.21 -40.70 9.72
CA GLY E 268 -31.94 -41.03 10.36
C GLY E 268 -30.83 -41.34 9.37
N LEU E 269 -31.16 -42.08 8.32
CA LEU E 269 -30.16 -42.40 7.30
C LEU E 269 -29.78 -41.16 6.50
N VAL E 270 -30.75 -40.35 6.10
CA VAL E 270 -30.46 -39.18 5.28
C VAL E 270 -29.64 -38.16 6.06
N ASP E 271 -30.07 -37.84 7.28
CA ASP E 271 -29.35 -36.86 8.08
C ASP E 271 -28.01 -37.41 8.55
N GLY E 272 -27.97 -38.67 8.98
CA GLY E 272 -26.73 -39.22 9.50
C GLY E 272 -25.63 -39.30 8.47
N LEU E 273 -25.95 -39.83 7.28
CA LEU E 273 -24.92 -40.04 6.26
C LEU E 273 -24.47 -38.72 5.65
N VAL E 274 -25.41 -37.85 5.28
CA VAL E 274 -25.05 -36.64 4.55
C VAL E 274 -24.32 -35.65 5.44
N THR E 275 -24.79 -35.45 6.68
CA THR E 275 -24.19 -34.44 7.54
C THR E 275 -22.83 -34.90 8.07
N PHE E 276 -22.72 -36.15 8.51
CA PHE E 276 -21.54 -36.59 9.23
C PHE E 276 -20.76 -37.68 8.48
N TYR E 277 -21.41 -38.80 8.15
CA TYR E 277 -20.65 -39.98 7.71
C TYR E 277 -19.99 -39.76 6.35
N LEU E 278 -20.69 -39.14 5.40
CA LEU E 278 -20.06 -38.82 4.13
C LEU E 278 -18.90 -37.83 4.29
N PRO E 279 -19.05 -36.70 4.99
CA PRO E 279 -17.87 -35.86 5.23
C PRO E 279 -16.76 -36.55 5.99
N LEU E 280 -17.10 -37.43 6.93
CA LEU E 280 -16.08 -38.14 7.69
C LEU E 280 -15.24 -39.05 6.80
N LEU E 281 -15.89 -39.72 5.85
CA LEU E 281 -15.15 -40.58 4.92
C LEU E 281 -14.18 -39.76 4.08
N ILE E 282 -14.63 -38.60 3.57
CA ILE E 282 -13.78 -37.76 2.74
C ILE E 282 -12.67 -37.13 3.59
N MET E 283 -13.01 -36.63 4.78
CA MET E 283 -12.02 -35.98 5.63
C MET E 283 -10.90 -36.93 6.03
N CYS E 284 -11.25 -38.18 6.34
CA CYS E 284 -10.21 -39.16 6.65
C CYS E 284 -9.32 -39.42 5.45
N ILE E 285 -9.92 -39.53 4.26
CA ILE E 285 -9.13 -39.69 3.05
C ILE E 285 -8.31 -38.43 2.76
N THR E 286 -8.93 -37.27 2.89
CA THR E 286 -8.24 -36.00 2.61
C THR E 286 -7.08 -35.77 3.58
N TYR E 287 -7.33 -35.93 4.87
CA TYR E 287 -6.28 -35.69 5.85
C TYR E 287 -5.22 -36.78 5.87
N TYR E 288 -5.52 -37.95 5.32
CA TYR E 288 -4.48 -38.98 5.19
C TYR E 288 -3.50 -38.64 4.09
N ARG E 289 -4.00 -38.16 2.94
CA ARG E 289 -3.11 -37.74 1.87
C ARG E 289 -2.24 -36.57 2.30
N ILE E 290 -2.81 -35.63 3.05
CA ILE E 290 -2.02 -34.52 3.59
C ILE E 290 -0.95 -35.03 4.54
N PHE E 291 -1.29 -36.06 5.33
CA PHE E 291 -0.32 -36.62 6.27
C PHE E 291 0.88 -37.23 5.53
N LYS E 292 0.63 -37.90 4.41
CA LYS E 292 1.72 -38.48 3.63
C LYS E 292 2.65 -37.40 3.09
N VAL E 293 2.08 -36.30 2.59
CA VAL E 293 2.90 -35.22 2.03
C VAL E 293 3.70 -34.53 3.13
N ALA E 294 3.07 -34.27 4.27
CA ALA E 294 3.77 -33.60 5.37
C ALA E 294 4.92 -34.46 5.90
N ARG E 295 4.68 -35.76 6.05
CA ARG E 295 5.74 -36.65 6.53
C ARG E 295 6.88 -36.74 5.53
N ASP E 296 6.56 -36.77 4.23
CA ASP E 296 7.60 -36.86 3.22
C ASP E 296 8.52 -35.65 3.25
N GLN E 297 7.95 -34.46 3.45
CA GLN E 297 8.78 -33.25 3.52
C GLN E 297 9.69 -33.26 4.75
N ALA E 298 9.18 -33.73 5.89
CA ALA E 298 9.99 -33.75 7.10
C ALA E 298 11.16 -34.72 6.97
N LYS E 299 10.94 -35.88 6.35
CA LYS E 299 12.00 -36.86 6.19
C LYS E 299 13.13 -36.31 5.32
N ARG E 300 12.78 -35.61 4.23
CA ARG E 300 13.79 -35.00 3.37
C ARG E 300 14.57 -33.92 4.12
N ILE E 301 13.88 -33.11 4.90
CA ILE E 301 14.53 -32.02 5.62
C ILE E 301 15.09 -32.52 6.95
N ARG E 313 10.20 -31.32 14.64
CA ARG E 313 9.86 -32.63 15.17
C ARG E 313 9.35 -33.56 14.08
N GLU E 314 9.73 -34.84 14.15
CA GLU E 314 9.26 -35.80 13.16
C GLU E 314 7.76 -36.06 13.30
N HIS E 315 7.23 -35.98 14.52
CA HIS E 315 5.82 -36.22 14.78
C HIS E 315 5.02 -34.91 14.85
N LYS E 316 5.57 -33.82 14.30
CA LYS E 316 4.86 -32.54 14.34
C LYS E 316 3.56 -32.61 13.55
N ALA E 317 3.59 -33.24 12.37
CA ALA E 317 2.36 -33.40 11.59
C ALA E 317 1.46 -34.47 12.18
N THR E 318 2.03 -35.45 12.90
CA THR E 318 1.21 -36.51 13.49
C THR E 318 0.35 -35.97 14.62
N VAL E 319 0.95 -35.17 15.52
CA VAL E 319 0.22 -34.68 16.68
C VAL E 319 -0.89 -33.73 16.26
N THR E 320 -0.59 -32.81 15.34
CA THR E 320 -1.57 -31.81 14.94
C THR E 320 -2.74 -32.44 14.19
N LEU E 321 -2.45 -33.35 13.25
CA LEU E 321 -3.53 -33.96 12.47
C LEU E 321 -4.34 -34.94 13.30
N ALA E 322 -3.73 -35.63 14.25
CA ALA E 322 -4.48 -36.53 15.10
C ALA E 322 -5.41 -35.77 16.04
N ALA E 323 -4.96 -34.61 16.55
CA ALA E 323 -5.80 -33.82 17.43
C ALA E 323 -6.99 -33.22 16.68
N VAL E 324 -6.78 -32.82 15.42
CA VAL E 324 -7.87 -32.25 14.63
C VAL E 324 -8.91 -33.30 14.30
N MET E 325 -8.45 -34.48 13.84
CA MET E 325 -9.37 -35.56 13.52
C MET E 325 -9.89 -36.26 14.77
N GLY E 326 -9.08 -36.34 15.83
CA GLY E 326 -9.53 -37.01 17.04
C GLY E 326 -10.71 -36.33 17.68
N ALA E 327 -10.65 -35.00 17.80
CA ALA E 327 -11.74 -34.27 18.44
C ALA E 327 -13.02 -34.36 17.62
N PHE E 328 -12.92 -34.25 16.30
CA PHE E 328 -14.09 -34.33 15.45
C PHE E 328 -14.78 -35.68 15.55
N ILE E 329 -13.99 -36.77 15.54
CA ILE E 329 -14.57 -38.10 15.66
C ILE E 329 -15.12 -38.35 17.06
N ILE E 330 -14.36 -37.97 18.09
CA ILE E 330 -14.78 -38.22 19.46
C ILE E 330 -16.08 -37.47 19.76
N CYS E 331 -16.18 -36.21 19.31
CA CYS E 331 -17.33 -35.39 19.68
C CYS E 331 -18.59 -35.74 18.91
N TRP E 332 -18.47 -36.18 17.65
CA TRP E 332 -19.65 -36.34 16.80
C TRP E 332 -20.00 -37.77 16.45
N PHE E 333 -19.01 -38.68 16.37
CA PHE E 333 -19.32 -40.05 15.98
C PHE E 333 -20.27 -40.76 16.94
N PRO E 334 -20.07 -40.72 18.27
CA PRO E 334 -21.04 -41.38 19.15
C PRO E 334 -22.44 -40.82 19.04
N TYR E 335 -22.58 -39.51 18.80
CA TYR E 335 -23.90 -38.91 18.70
C TYR E 335 -24.64 -39.41 17.47
N PHE E 336 -23.99 -39.36 16.30
CA PHE E 336 -24.66 -39.79 15.07
C PHE E 336 -24.84 -41.31 15.03
N THR E 337 -23.98 -42.06 15.70
CA THR E 337 -24.22 -43.49 15.85
C THR E 337 -25.48 -43.74 16.66
N ALA E 338 -25.65 -43.01 17.77
CA ALA E 338 -26.87 -43.13 18.55
C ALA E 338 -28.07 -42.53 17.84
N PHE E 339 -27.85 -41.42 17.11
CA PHE E 339 -28.95 -40.77 16.42
C PHE E 339 -29.56 -41.68 15.36
N VAL E 340 -28.71 -42.38 14.60
CA VAL E 340 -29.23 -43.33 13.62
C VAL E 340 -29.89 -44.52 14.32
N TYR E 341 -29.25 -45.02 15.39
CA TYR E 341 -29.82 -46.14 16.13
C TYR E 341 -31.15 -45.77 16.77
N ARG E 342 -31.24 -44.56 17.32
CA ARG E 342 -32.48 -44.13 17.96
C ARG E 342 -33.63 -44.05 16.95
N GLY E 343 -33.34 -43.56 15.75
CA GLY E 343 -34.38 -43.49 14.72
C GLY E 343 -34.84 -44.87 14.28
N LEU E 344 -33.91 -45.82 14.16
CA LEU E 344 -34.27 -47.15 13.69
C LEU E 344 -34.98 -47.96 14.77
N ARG E 345 -34.52 -47.87 16.01
CA ARG E 345 -34.99 -48.74 17.09
C ARG E 345 -35.90 -48.01 18.08
N GLY E 346 -36.41 -46.85 17.70
CA GLY E 346 -37.31 -46.11 18.56
C GLY E 346 -36.57 -45.22 19.56
N ASP E 347 -37.32 -44.26 20.12
CA ASP E 347 -36.73 -43.29 21.02
C ASP E 347 -36.37 -43.86 22.39
N ASP E 348 -37.00 -44.97 22.79
CA ASP E 348 -36.73 -45.57 24.08
C ASP E 348 -35.59 -46.58 24.05
N ALA E 349 -35.07 -46.91 22.86
CA ALA E 349 -33.95 -47.85 22.78
C ALA E 349 -32.70 -47.29 23.43
N ILE E 350 -32.43 -46.01 23.23
CA ILE E 350 -31.25 -45.37 23.81
C ILE E 350 -31.53 -45.05 25.27
N ASN E 351 -30.59 -45.42 26.14
CA ASN E 351 -30.72 -45.08 27.55
C ASN E 351 -30.72 -43.57 27.75
N GLU E 352 -31.50 -43.11 28.72
CA GLU E 352 -31.62 -41.67 28.96
C GLU E 352 -30.28 -41.07 29.37
N VAL E 353 -29.53 -41.76 30.22
CA VAL E 353 -28.22 -41.27 30.63
C VAL E 353 -27.27 -41.24 29.44
N LEU E 354 -27.28 -42.31 28.63
CA LEU E 354 -26.41 -42.36 27.45
C LEU E 354 -26.77 -41.29 26.44
N GLU E 355 -28.08 -41.04 26.25
CA GLU E 355 -28.51 -40.05 25.28
C GLU E 355 -28.01 -38.65 25.63
N ALA E 356 -27.85 -38.36 26.92
CA ALA E 356 -27.36 -37.05 27.32
C ALA E 356 -25.86 -36.91 27.10
N ILE E 357 -25.10 -37.99 27.23
CA ILE E 357 -23.65 -37.91 27.04
C ILE E 357 -23.32 -37.60 25.59
N VAL E 358 -23.91 -38.35 24.66
CA VAL E 358 -23.59 -38.18 23.25
C VAL E 358 -24.11 -36.84 22.73
N LEU E 359 -25.20 -36.32 23.30
CA LEU E 359 -25.72 -35.03 22.87
C LEU E 359 -24.75 -33.91 23.19
N TRP E 360 -24.14 -33.93 24.38
CA TRP E 360 -23.25 -32.85 24.80
C TRP E 360 -21.84 -33.00 24.27
N LEU E 361 -21.46 -34.17 23.75
CA LEU E 361 -20.18 -34.30 23.05
C LEU E 361 -20.18 -33.45 21.79
N GLY E 362 -21.29 -33.45 21.05
CA GLY E 362 -21.38 -32.61 19.86
C GLY E 362 -21.30 -31.14 20.20
N TYR E 363 -21.88 -30.75 21.34
CA TYR E 363 -21.77 -29.36 21.80
C TYR E 363 -20.35 -29.03 22.24
N ALA E 364 -19.64 -29.99 22.82
CA ALA E 364 -18.27 -29.75 23.29
C ALA E 364 -17.31 -29.52 22.13
N ASN E 365 -17.66 -29.94 20.92
CA ASN E 365 -16.78 -29.71 19.76
C ASN E 365 -16.62 -28.23 19.48
N SER E 366 -17.68 -27.44 19.69
CA SER E 366 -17.59 -26.01 19.46
C SER E 366 -16.65 -25.31 20.42
N ALA E 367 -16.30 -25.95 21.53
CA ALA E 367 -15.32 -25.38 22.45
C ALA E 367 -13.89 -25.64 22.01
N LEU E 368 -13.67 -26.65 21.16
CA LEU E 368 -12.34 -27.01 20.70
C LEU E 368 -11.96 -26.38 19.38
N ASN E 369 -12.94 -26.02 18.55
CA ASN E 369 -12.63 -25.38 17.27
C ASN E 369 -11.84 -24.09 17.42
N PRO E 370 -12.09 -23.21 18.40
CA PRO E 370 -11.19 -22.08 18.60
C PRO E 370 -9.77 -22.49 18.98
N ILE E 371 -9.57 -23.71 19.48
CA ILE E 371 -8.24 -24.17 19.84
C ILE E 371 -7.56 -24.90 18.68
N LEU E 372 -8.28 -25.78 17.99
CA LEU E 372 -7.67 -26.60 16.96
C LEU E 372 -7.37 -25.79 15.70
N TYR E 373 -8.27 -24.89 15.31
CA TYR E 373 -8.15 -24.19 14.04
C TYR E 373 -7.69 -22.75 14.19
N ALA E 374 -7.65 -22.20 15.39
CA ALA E 374 -7.17 -20.85 15.62
C ALA E 374 -5.93 -20.80 16.50
N ALA E 375 -5.95 -21.45 17.66
CA ALA E 375 -4.78 -21.47 18.53
C ALA E 375 -3.63 -22.25 17.92
N LEU E 376 -3.89 -23.09 16.92
CA LEU E 376 -2.85 -23.83 16.23
C LEU E 376 -2.46 -23.17 14.90
N ASN E 377 -2.71 -21.87 14.76
CA ASN E 377 -2.37 -21.13 13.56
C ASN E 377 -1.27 -20.12 13.88
N ARG E 378 -0.33 -19.97 12.94
CA ARG E 378 0.80 -19.08 13.17
C ARG E 378 0.33 -17.63 13.30
N ASP E 379 -0.55 -17.19 12.41
CA ASP E 379 -0.98 -15.80 12.40
C ASP E 379 -1.81 -15.45 13.62
N PHE E 380 -2.72 -16.35 14.02
CA PHE E 380 -3.62 -16.04 15.13
C PHE E 380 -2.87 -15.90 16.45
N ARG E 381 -1.87 -16.76 16.68
CA ARG E 381 -1.10 -16.67 17.92
C ARG E 381 -0.36 -15.34 18.00
N THR E 382 0.25 -14.91 16.89
CA THR E 382 0.89 -13.60 16.87
C THR E 382 -0.15 -12.48 16.81
N GLY E 383 -1.33 -12.77 16.26
CA GLY E 383 -2.40 -11.77 16.26
C GLY E 383 -2.91 -11.45 17.65
N TYR E 384 -2.90 -12.44 18.56
CA TYR E 384 -3.32 -12.18 19.93
C TYR E 384 -2.40 -11.18 20.61
N GLN E 385 -1.09 -11.25 20.32
CA GLN E 385 -0.15 -10.32 20.90
C GLN E 385 -0.44 -8.89 20.47
N GLN E 386 -0.88 -8.71 19.22
CA GLN E 386 -1.25 -7.39 18.71
C GLN E 386 -2.51 -6.85 19.35
N LEU E 387 -3.27 -7.67 20.08
CA LEU E 387 -4.49 -7.22 20.73
C LEU E 387 -4.25 -6.98 22.22
#